data_8YH6
#
_entry.id   8YH6
#
_cell.length_a   1.00
_cell.length_b   1.00
_cell.length_c   1.00
_cell.angle_alpha   90.00
_cell.angle_beta   90.00
_cell.angle_gamma   90.00
#
_symmetry.space_group_name_H-M   'P 1'
#
loop_
_entity.id
_entity.type
_entity.pdbx_description
1 polymer 'Guanine nucleotide-binding protein G(I)/G(S)/G(T) subunit beta-1'
2 polymer 'Guanine nucleotide-binding protein G(I)/G(S)/G(O) subunit gamma-2,Guanine nucleotide-binding protein G(i) subunit alpha-1 chimera'
3 polymer scfv16
4 polymer 'Hemagglutinin,Adenosine receptor A3,GFP chimera'
5 non-polymer namodenoson
#
loop_
_entity_poly.entity_id
_entity_poly.type
_entity_poly.pdbx_seq_one_letter_code
_entity_poly.pdbx_strand_id
1 'polypeptide(L)'
;MGSLLQSELDQLRQEAEQLKNQIRDARKACADATLSQITNNIDPVGRIQMRTRRTLRGHLAKIYAMHWGTDSRLLVSASQ
DGKLIIWDSYTTNKVHAIPLRSSWVMTCAYAPSGNYVACGGLDNICSIYNLKTREGNVRVSRELAGHTGYLSCCRFLDDN
QIVTSSGDTTCALWDIETGQQTTTFTGHTGDVMSLSLAPDTRLFVSGACDASAKLWDVREGMCRQTFTGHESDINAICFF
PNGNAFATGSDDATCRLFDLRADQELMTYSHDNIICGITSVSFSKSGRLLLAGYDDFNCNVWDALKADRAGVLAGHDNRV
SCLGVTDDGMAVATGSWDSFLKIWNGASGGGSGGNSGSSGGSSGVSGWRLFKKIS
;
B
2 'polypeptide(L)'
;MASNNTASIAQARKLVEQLKMEANIDRIKVSKAAADLMAYCEAHAKEDPLLTPVPASENPFREKKFFCAILGSAGSAGSA
MCTLSAEDKAAVERSKMIDRNLREDGEKAAREVKLLLLGAGESGKSTIVKQMKIIHEAGYSEEECKQYKAVVYSNTIQSI
IAIIRAMGRLKIDFGDSARADDARQLFVLAGAAEEGFMTAELAGVIKRLWKDSGVQACFNRSREYQLNDSAAYYLNDLDR
IAQPNYIPTQQDVLRTRVKTTGIVETHFTFKDLHFKMFDVGGQRSERKKWIHCFEGVTAIIFCVALSDYDLVLAEDEEMN
RMHESMKLFDSICNNKWFTDTSIILFLNKKDLFEEKIKKSPLTICYPEYAGSNTYEEAAAYIQCQFEDLNKRKDTKEIYT
HFTCATDTKNVQFVFDAVTDVIIKNNLKDCGLF
;
G,A
3 'polypeptide(L)'
;DVQLVESGGGLVQPGGSRKLSCSASGFAFSSFGMHWVRQAPEKGLEWVAYISSGSGTIYYADTVKGRFTISRDDPKNTLF
LQMTSLRSEDTAMYYCVRSIYYYGSSPFDFWGQGTTLTVSSGGGGSGGGGSGGGGSDIVMTQATSSVPVTPGESVSISCR
SSKSLLHSNGNTYLYWFLQRPGQSPQLLIYRMSNLASGVPDRFSGSGSGTAFTLTISRLEAEDVGVYYCMQHLEYPLTFG
AGTKLELKAAAASSEDLYFQ
;
S
4 'polypeptide(L)'
;MKTIIALSYIFCLVFADYKDDDDAMGPVNSTAVSWTSVTYITVEILIGLCAIVGNVLVIWVVKLNPSLQTTTFYFIVSLA
LADIAVGVLVMPLAIVISLGVTIHFYSCLFMTCLMLIFTHASIMSLLAIAVDRYLRVKLTVRYRRVTTQRRIWLALGLCW
LVSFLVGLTPMFGWNMKLSSADENLTFLPCRFRSVMRMDYMVYFSFFLWILVPLVVMCAIYFDIFYIIRNRLSQSFSGSR
ETGAFYGREFKTAKSLLLVLFLFALCWLPLSIINCILYFDGQVPQTVLYLGILLSHANSMMNPIVYAYKIKKFKETYLLI
LKACVICQPSKSMDPSTEQTSEGSGGGGSGGSSSGGVFTLEDFVGDWEQTAAYNLDQVLEQGGVSSLLQNLAVSVTPIQR
IVRSGENALKIDIHVIIPYEGLSADQMAQIEEVFKVVYPVDDHHFKVILPYGTLVIDGVTPNMLNYFGRPYEGIAVFDGK
KITVTGTLWNGNKIIDERLITPDGSMLFRVTINSGGSGGGGSGGSSSGGLEVLFQGPGSAAAAVSKGEELFTGVVPILVE
LDGDVNGHKFSVSGEGEGDATYGKLTLKFICTTGKLPVPWPTLVTTLTYGVQCFSRYPDHMKQHDFFKSAMPEGYVQERT
IFFKDDGNYKTRAEVKFEGDTLVNRIELKGIDFKEDGNILGHKLEYNYNSHNVYIMADKQKNGIKVNFKIRHNIEDGSVQ
LADHYQQNTPIGDGPVLLPDNHYLSTQSKLSKDPNEKRDHMVLLEFVTAAGITLGMDELYKSGLRSHHHHHHHH
;
R
#
# COMPACT_ATOMS: atom_id res chain seq x y z
N ASP A 10 17.89 48.15 -29.78
CA ASP A 10 17.18 46.88 -30.08
C ASP A 10 15.78 47.17 -30.63
N GLN A 11 15.25 46.26 -31.45
CA GLN A 11 13.93 46.47 -32.11
C GLN A 11 12.95 45.36 -31.69
N LEU A 12 13.32 44.10 -31.84
CA LEU A 12 12.38 42.99 -31.55
C LEU A 12 12.19 42.86 -30.04
N ARG A 13 13.20 43.20 -29.25
CA ARG A 13 13.04 43.20 -27.77
C ARG A 13 12.07 44.29 -27.36
N GLN A 14 12.18 45.47 -27.98
CA GLN A 14 11.23 46.58 -27.71
C GLN A 14 9.82 46.15 -28.13
N GLU A 15 9.69 45.49 -29.28
CA GLU A 15 8.36 45.08 -29.78
C GLU A 15 7.77 43.99 -28.89
N ALA A 16 8.57 43.06 -28.41
CA ALA A 16 8.07 41.96 -27.55
C ALA A 16 7.71 42.53 -26.17
N GLU A 17 8.49 43.48 -25.68
CA GLU A 17 8.19 44.12 -24.37
C GLU A 17 6.87 44.88 -24.46
N GLN A 18 6.68 45.68 -25.51
CA GLN A 18 5.43 46.46 -25.63
C GLN A 18 4.28 45.51 -26.00
N LEU A 19 4.56 44.39 -26.65
CA LEU A 19 3.51 43.40 -26.96
C LEU A 19 2.97 42.81 -25.64
N LYS A 20 3.86 42.33 -24.78
CA LYS A 20 3.40 41.71 -23.50
C LYS A 20 2.77 42.77 -22.62
N ASN A 21 3.32 43.97 -22.53
CA ASN A 21 2.79 45.00 -21.62
C ASN A 21 1.44 45.55 -22.12
N GLN A 22 1.28 45.75 -23.42
CA GLN A 22 0.01 46.31 -23.94
C GLN A 22 -1.05 45.22 -24.10
N ILE A 23 -0.66 43.96 -24.26
CA ILE A 23 -1.70 42.89 -24.21
C ILE A 23 -2.12 42.72 -22.74
N ARG A 24 -1.21 42.90 -21.79
CA ARG A 24 -1.60 42.90 -20.36
C ARG A 24 -2.46 44.14 -20.07
N ASP A 25 -2.22 45.25 -20.77
CA ASP A 25 -3.05 46.47 -20.61
C ASP A 25 -4.43 46.23 -21.23
N ALA A 26 -4.51 45.49 -22.33
CA ALA A 26 -5.81 45.13 -22.93
C ALA A 26 -6.55 44.17 -22.00
N ARG A 27 -5.82 43.36 -21.23
CA ARG A 27 -6.44 42.48 -20.22
C ARG A 27 -6.93 43.33 -19.05
N LYS A 28 -6.11 44.27 -18.57
CA LYS A 28 -6.43 45.05 -17.34
C LYS A 28 -7.54 46.06 -17.62
N ALA A 29 -7.55 46.70 -18.77
CA ALA A 29 -8.56 47.74 -19.08
C ALA A 29 -9.95 47.12 -19.21
N CYS A 30 -10.02 45.87 -19.67
CA CYS A 30 -11.32 45.16 -19.81
C CYS A 30 -11.57 44.26 -18.61
N ALA A 31 -10.66 44.19 -17.63
CA ALA A 31 -10.83 43.39 -16.39
C ALA A 31 -11.85 44.09 -15.50
N ASP A 32 -13.11 43.65 -15.48
CA ASP A 32 -14.20 44.33 -14.73
C ASP A 32 -14.06 44.22 -13.21
N ALA A 33 -13.80 43.02 -12.64
CA ALA A 33 -13.75 42.82 -11.17
C ALA A 33 -13.23 41.42 -10.82
N THR A 34 -12.99 41.14 -9.53
CA THR A 34 -12.47 39.82 -9.06
C THR A 34 -13.64 38.84 -8.95
N LEU A 35 -13.36 37.54 -8.89
CA LEU A 35 -14.41 36.48 -8.83
C LEU A 35 -15.20 36.62 -7.52
N SER A 36 -14.55 36.96 -6.40
CA SER A 36 -15.20 37.07 -5.06
C SER A 36 -16.08 38.32 -4.96
N GLN A 37 -15.73 39.41 -5.64
CA GLN A 37 -16.48 40.69 -5.64
C GLN A 37 -17.92 40.45 -6.12
N ILE A 38 -18.12 39.50 -7.02
CA ILE A 38 -19.50 39.18 -7.46
C ILE A 38 -20.08 38.06 -6.60
N THR A 39 -19.33 37.01 -6.29
CA THR A 39 -19.93 35.86 -5.57
C THR A 39 -19.92 36.06 -4.05
N ASN A 40 -19.65 37.27 -3.55
CA ASN A 40 -19.60 37.54 -2.10
C ASN A 40 -20.97 37.33 -1.44
N ASN A 41 -22.05 37.68 -2.11
CA ASN A 41 -23.39 37.59 -1.48
C ASN A 41 -23.90 36.15 -1.48
N ILE A 42 -23.26 35.24 -2.22
CA ILE A 42 -23.73 33.83 -2.28
C ILE A 42 -23.32 33.15 -0.98
N ASP A 43 -24.26 32.42 -0.39
CA ASP A 43 -24.04 31.80 0.94
C ASP A 43 -22.99 30.69 0.87
N PRO A 44 -22.20 30.48 1.95
CA PRO A 44 -21.24 29.38 1.97
C PRO A 44 -21.89 27.99 2.08
N VAL A 45 -21.07 26.95 2.19
CA VAL A 45 -21.58 25.55 2.24
C VAL A 45 -21.33 24.95 3.62
N GLY A 46 -20.62 25.65 4.51
CA GLY A 46 -20.46 25.21 5.90
C GLY A 46 -19.21 24.37 6.10
N ARG A 47 -19.36 23.25 6.80
CA ARG A 47 -18.24 22.32 7.06
C ARG A 47 -18.60 20.98 6.43
N ILE A 48 -17.91 20.63 5.35
CA ILE A 48 -18.19 19.34 4.65
C ILE A 48 -17.41 18.27 5.40
N GLN A 49 -17.98 17.80 6.49
CA GLN A 49 -17.33 16.74 7.30
C GLN A 49 -17.48 15.43 6.56
N MET A 50 -16.48 15.06 5.79
CA MET A 50 -16.53 13.81 4.99
C MET A 50 -15.86 12.70 5.78
N ARG A 51 -16.46 11.52 5.76
CA ARG A 51 -15.98 10.40 6.59
C ARG A 51 -15.34 9.33 5.71
N THR A 52 -14.32 8.68 6.25
CA THR A 52 -13.68 7.54 5.57
C THR A 52 -14.65 6.37 5.55
N ARG A 53 -15.09 5.96 4.36
CA ARG A 53 -15.99 4.79 4.24
C ARG A 53 -15.15 3.54 3.99
N ARG A 54 -14.33 3.57 2.95
CA ARG A 54 -13.47 2.43 2.61
C ARG A 54 -12.01 2.79 2.87
N THR A 55 -11.20 1.85 3.35
CA THR A 55 -9.75 2.08 3.61
C THR A 55 -8.97 1.01 2.85
N LEU A 56 -8.71 1.24 1.57
CA LEU A 56 -7.99 0.26 0.72
C LEU A 56 -6.57 0.08 1.27
N ARG A 57 -6.14 -1.16 1.52
CA ARG A 57 -4.78 -1.47 2.00
C ARG A 57 -4.23 -2.55 1.06
N GLY A 58 -2.95 -2.89 1.12
CA GLY A 58 -2.32 -3.92 0.29
C GLY A 58 -1.03 -3.42 -0.33
N HIS A 59 -0.87 -2.10 -0.50
CA HIS A 59 0.41 -1.54 -0.99
C HIS A 59 1.36 -1.55 0.22
N LEU A 60 2.65 -1.76 -0.01
CA LEU A 60 3.67 -1.87 1.07
C LEU A 60 4.77 -0.82 0.84
N ALA A 61 4.48 0.23 0.07
CA ALA A 61 5.44 1.32 -0.22
C ALA A 61 4.65 2.62 -0.41
N LYS A 62 5.32 3.74 -0.67
CA LYS A 62 4.63 5.02 -0.93
C LYS A 62 3.78 4.90 -2.19
N ILE A 63 2.63 5.58 -2.19
CA ILE A 63 1.71 5.55 -3.36
C ILE A 63 1.90 6.87 -4.10
N TYR A 64 2.22 6.81 -5.38
CA TYR A 64 2.60 8.04 -6.11
C TYR A 64 1.47 8.61 -6.95
N ALA A 65 0.63 7.79 -7.57
CA ALA A 65 -0.53 8.32 -8.31
C ALA A 65 -1.67 7.34 -8.34
N MET A 66 -2.82 7.80 -8.82
CA MET A 66 -4.07 7.00 -8.76
C MET A 66 -5.07 7.60 -9.76
N HIS A 67 -5.80 6.75 -10.46
CA HIS A 67 -6.83 7.23 -11.41
C HIS A 67 -8.10 6.42 -11.21
N TRP A 68 -9.24 7.08 -11.21
CA TRP A 68 -10.54 6.39 -11.12
C TRP A 68 -10.89 5.72 -12.44
N GLY A 69 -11.84 4.79 -12.40
CA GLY A 69 -12.34 4.20 -13.63
C GLY A 69 -13.33 5.16 -14.26
N THR A 70 -13.81 4.85 -15.45
CA THR A 70 -14.83 5.71 -16.09
C THR A 70 -16.23 5.38 -15.59
N ASP A 71 -16.39 4.30 -14.82
CA ASP A 71 -17.71 3.88 -14.32
C ASP A 71 -17.82 4.17 -12.82
N SER A 72 -16.94 5.00 -12.26
CA SER A 72 -16.99 5.46 -10.84
C SER A 72 -16.87 4.30 -9.85
N ARG A 73 -16.31 3.16 -10.27
CA ARG A 73 -16.13 1.97 -9.40
C ARG A 73 -14.72 1.38 -9.58
N LEU A 74 -14.23 1.27 -10.82
CA LEU A 74 -12.87 0.74 -11.12
C LEU A 74 -11.86 1.75 -10.58
N LEU A 75 -10.57 1.39 -10.47
CA LEU A 75 -9.54 2.27 -9.83
C LEU A 75 -8.14 1.71 -10.12
N VAL A 76 -7.10 2.54 -10.19
CA VAL A 76 -5.71 2.05 -10.33
C VAL A 76 -4.91 2.81 -9.28
N SER A 77 -3.97 2.16 -8.64
CA SER A 77 -3.03 2.84 -7.71
C SER A 77 -1.64 2.30 -8.02
N ALA A 78 -0.68 3.20 -8.16
CA ALA A 78 0.71 2.83 -8.51
C ALA A 78 1.62 3.17 -7.33
N SER A 79 2.40 2.21 -6.88
CA SER A 79 3.22 2.43 -5.66
C SER A 79 4.72 2.32 -5.95
N GLN A 80 5.53 2.60 -4.94
CA GLN A 80 7.00 2.64 -5.10
C GLN A 80 7.60 1.23 -5.15
N ASP A 81 6.88 0.22 -4.69
CA ASP A 81 7.44 -1.15 -4.65
C ASP A 81 7.19 -1.86 -5.98
N GLY A 82 6.84 -1.13 -7.02
CA GLY A 82 6.68 -1.71 -8.37
C GLY A 82 5.41 -2.52 -8.45
N LYS A 83 4.30 -1.95 -8.02
CA LYS A 83 3.01 -2.65 -8.09
C LYS A 83 1.92 -1.69 -8.56
N LEU A 84 1.08 -2.19 -9.45
CA LEU A 84 -0.09 -1.42 -9.94
C LEU A 84 -1.33 -2.24 -9.58
N ILE A 85 -2.22 -1.66 -8.80
CA ILE A 85 -3.39 -2.43 -8.28
C ILE A 85 -4.68 -1.83 -8.80
N ILE A 86 -5.53 -2.66 -9.38
CA ILE A 86 -6.87 -2.23 -9.83
C ILE A 86 -7.87 -2.68 -8.78
N TRP A 87 -8.53 -1.70 -8.15
CA TRP A 87 -9.45 -1.96 -7.03
C TRP A 87 -10.91 -1.89 -7.43
N ASP A 88 -11.71 -2.79 -6.88
CA ASP A 88 -13.18 -2.64 -6.91
C ASP A 88 -13.47 -1.80 -5.68
N SER A 89 -13.85 -0.54 -5.87
CA SER A 89 -13.97 0.41 -4.75
C SER A 89 -15.33 0.34 -4.04
N TYR A 90 -16.18 -0.61 -4.39
CA TYR A 90 -17.46 -0.79 -3.67
C TYR A 90 -17.34 -1.88 -2.60
N THR A 91 -16.58 -2.93 -2.89
CA THR A 91 -16.40 -4.04 -1.93
C THR A 91 -14.95 -4.08 -1.43
N THR A 92 -14.12 -3.09 -1.76
CA THR A 92 -12.68 -3.03 -1.39
C THR A 92 -11.95 -4.29 -1.84
N ASN A 93 -12.28 -4.78 -3.02
CA ASN A 93 -11.63 -5.98 -3.57
C ASN A 93 -10.59 -5.57 -4.61
N LYS A 94 -9.49 -6.30 -4.68
CA LYS A 94 -8.46 -6.04 -5.70
C LYS A 94 -8.82 -6.80 -6.96
N VAL A 95 -9.22 -6.10 -8.01
CA VAL A 95 -9.56 -6.76 -9.28
C VAL A 95 -8.28 -7.28 -9.95
N HIS A 96 -7.24 -6.46 -10.00
CA HIS A 96 -5.99 -6.88 -10.68
C HIS A 96 -4.75 -6.38 -9.95
N ALA A 97 -3.63 -7.09 -10.11
CA ALA A 97 -2.33 -6.67 -9.56
C ALA A 97 -1.29 -6.86 -10.67
N ILE A 98 -0.68 -5.77 -11.13
CA ILE A 98 0.25 -5.81 -12.28
C ILE A 98 1.67 -5.51 -11.79
N PRO A 99 2.65 -6.43 -11.97
CA PRO A 99 4.03 -6.14 -11.58
C PRO A 99 4.58 -5.09 -12.56
N LEU A 100 5.34 -4.13 -12.06
CA LEU A 100 5.76 -2.96 -12.90
C LEU A 100 7.26 -3.04 -13.17
N ARG A 101 7.65 -2.99 -14.45
CA ARG A 101 9.06 -3.20 -14.86
C ARG A 101 9.97 -2.28 -14.05
N SER A 102 9.48 -1.10 -13.67
CA SER A 102 10.26 -0.17 -12.82
C SER A 102 9.48 0.09 -11.52
N SER A 103 10.17 0.00 -10.38
CA SER A 103 9.60 0.42 -9.08
C SER A 103 9.46 1.95 -9.04
N TRP A 104 10.17 2.63 -9.94
CA TRP A 104 10.15 4.12 -10.00
C TRP A 104 8.92 4.58 -10.79
N VAL A 105 7.75 4.37 -10.19
CA VAL A 105 6.42 4.70 -10.79
C VAL A 105 6.04 6.09 -10.30
N MET A 106 5.82 7.04 -11.21
CA MET A 106 5.55 8.45 -10.84
C MET A 106 4.11 8.83 -11.22
N THR A 107 3.45 8.07 -12.10
CA THR A 107 2.10 8.43 -12.60
C THR A 107 1.41 7.19 -13.15
N CYS A 108 0.10 7.25 -13.26
CA CYS A 108 -0.67 6.13 -13.80
C CYS A 108 -2.02 6.63 -14.30
N ALA A 109 -2.64 5.91 -15.23
CA ALA A 109 -3.90 6.35 -15.84
C ALA A 109 -4.82 5.17 -16.13
N TYR A 110 -6.11 5.45 -16.28
CA TYR A 110 -7.12 4.43 -16.64
C TYR A 110 -7.74 4.82 -17.97
N ALA A 111 -7.97 3.84 -18.83
CA ALA A 111 -8.58 4.09 -20.14
C ALA A 111 -10.05 4.47 -19.94
N PRO A 112 -10.62 5.35 -20.79
CA PRO A 112 -12.03 5.70 -20.66
C PRO A 112 -12.99 4.60 -21.12
N SER A 113 -12.47 3.46 -21.57
CA SER A 113 -13.31 2.30 -21.93
C SER A 113 -13.03 1.14 -20.97
N GLY A 114 -12.11 1.31 -20.02
CA GLY A 114 -11.81 0.26 -19.05
C GLY A 114 -10.98 -0.86 -19.64
N ASN A 115 -10.41 -0.68 -20.82
CA ASN A 115 -9.68 -1.77 -21.48
C ASN A 115 -8.21 -1.74 -21.09
N TYR A 116 -7.55 -0.59 -21.20
CA TYR A 116 -6.08 -0.50 -21.02
C TYR A 116 -5.72 0.29 -19.79
N VAL A 117 -4.45 0.23 -19.41
CA VAL A 117 -3.94 1.01 -18.26
C VAL A 117 -2.49 1.42 -18.54
N ALA A 118 -2.19 2.71 -18.47
CA ALA A 118 -0.85 3.22 -18.79
C ALA A 118 -0.15 3.66 -17.51
N CYS A 119 1.12 3.34 -17.39
CA CYS A 119 1.87 3.66 -16.16
C CYS A 119 3.32 3.91 -16.54
N GLY A 120 3.94 4.92 -15.93
CA GLY A 120 5.34 5.26 -16.25
C GLY A 120 6.06 6.00 -15.15
N GLY A 121 7.28 6.47 -15.42
CA GLY A 121 8.04 7.14 -14.36
C GLY A 121 9.46 7.53 -14.72
N LEU A 122 10.41 7.16 -13.86
CA LEU A 122 11.82 7.60 -14.03
C LEU A 122 12.53 6.89 -15.18
N ASP A 123 11.99 5.81 -15.72
CA ASP A 123 12.71 5.04 -16.77
C ASP A 123 12.31 5.56 -18.15
N ASN A 124 11.65 6.72 -18.23
CA ASN A 124 11.35 7.43 -19.50
C ASN A 124 10.46 6.62 -20.44
N ILE A 125 9.78 5.59 -19.95
CA ILE A 125 8.99 4.70 -20.83
C ILE A 125 7.56 4.65 -20.29
N CYS A 126 6.59 4.99 -21.12
CA CYS A 126 5.17 4.91 -20.74
C CYS A 126 4.65 3.53 -21.13
N SER A 127 4.57 2.61 -20.20
CA SER A 127 4.04 1.27 -20.51
C SER A 127 2.53 1.35 -20.63
N ILE A 128 1.96 0.58 -21.56
CA ILE A 128 0.49 0.52 -21.73
C ILE A 128 0.11 -0.96 -21.68
N TYR A 129 -0.70 -1.33 -20.69
CA TYR A 129 -1.10 -2.74 -20.44
C TYR A 129 -2.52 -3.00 -20.91
N ASN A 130 -2.81 -4.25 -21.25
CA ASN A 130 -4.14 -4.65 -21.77
C ASN A 130 -4.80 -5.56 -20.75
N LEU A 131 -5.96 -5.19 -20.24
CA LEU A 131 -6.64 -5.97 -19.18
C LEU A 131 -7.60 -6.98 -19.78
N LYS A 132 -8.37 -6.59 -20.78
CA LYS A 132 -9.41 -7.48 -21.37
C LYS A 132 -8.75 -8.37 -22.42
N THR A 133 -7.99 -9.34 -21.99
CA THR A 133 -7.29 -10.24 -22.94
C THR A 133 -8.08 -11.52 -23.17
N ARG A 134 -7.53 -12.41 -23.99
CA ARG A 134 -8.10 -13.75 -24.23
C ARG A 134 -7.45 -14.77 -23.30
N GLU A 135 -6.37 -14.40 -22.61
CA GLU A 135 -5.59 -15.36 -21.80
C GLU A 135 -5.83 -15.16 -20.30
N GLY A 136 -6.46 -14.07 -19.89
CA GLY A 136 -6.80 -13.90 -18.47
C GLY A 136 -5.67 -13.35 -17.62
N ASN A 137 -4.61 -12.83 -18.21
CA ASN A 137 -3.55 -12.13 -17.45
C ASN A 137 -3.44 -10.72 -18.03
N VAL A 138 -2.52 -9.93 -17.50
CA VAL A 138 -2.32 -8.54 -17.99
C VAL A 138 -0.94 -8.46 -18.61
N ARG A 139 -0.87 -8.47 -19.93
CA ARG A 139 0.44 -8.36 -20.64
C ARG A 139 0.65 -6.91 -21.06
N VAL A 140 1.89 -6.53 -21.29
CA VAL A 140 2.21 -5.15 -21.72
C VAL A 140 1.87 -5.03 -23.19
N SER A 141 0.90 -4.20 -23.52
CA SER A 141 0.52 -4.01 -24.95
C SER A 141 1.63 -3.24 -25.66
N ARG A 142 1.91 -1.99 -25.26
CA ARG A 142 2.88 -1.13 -26.00
C ARG A 142 3.70 -0.27 -25.04
N GLU A 143 5.04 -0.40 -25.06
CA GLU A 143 5.91 0.47 -24.24
C GLU A 143 6.29 1.68 -25.09
N LEU A 144 5.64 2.82 -24.85
CA LEU A 144 5.98 4.04 -25.61
C LEU A 144 7.31 4.58 -25.09
N ALA A 145 8.36 4.46 -25.90
CA ALA A 145 9.70 4.99 -25.54
C ALA A 145 10.07 6.09 -26.53
N GLY A 146 10.91 7.02 -26.12
CA GLY A 146 11.25 8.17 -26.97
C GLY A 146 11.42 9.43 -26.16
N HIS A 147 11.20 9.36 -24.84
CA HIS A 147 11.42 10.51 -23.91
C HIS A 147 12.86 10.42 -23.38
N THR A 148 13.51 11.56 -23.15
CA THR A 148 14.93 11.62 -22.69
C THR A 148 15.00 11.72 -21.16
N GLY A 149 13.85 11.83 -20.48
CA GLY A 149 13.83 12.04 -19.02
C GLY A 149 12.61 11.45 -18.36
N TYR A 150 12.41 11.69 -17.06
CA TYR A 150 11.30 11.08 -16.29
C TYR A 150 9.94 11.53 -16.79
N LEU A 151 8.94 10.70 -16.54
CA LEU A 151 7.59 10.90 -17.13
C LEU A 151 6.57 11.25 -16.06
N SER A 152 5.56 12.02 -16.45
CA SER A 152 4.48 12.39 -15.52
C SER A 152 3.17 12.59 -16.28
N CYS A 153 2.06 12.21 -15.65
CA CYS A 153 0.69 12.40 -16.16
C CYS A 153 0.41 11.74 -17.50
N CYS A 154 0.36 10.43 -17.50
CA CYS A 154 -0.20 9.70 -18.65
C CYS A 154 -1.70 10.06 -18.60
N ARG A 155 -2.29 10.36 -19.74
CA ARG A 155 -3.75 10.69 -19.77
C ARG A 155 -4.34 10.13 -21.06
N PHE A 156 -5.19 9.12 -20.94
CA PHE A 156 -5.77 8.45 -22.12
C PHE A 156 -6.81 9.33 -22.80
N LEU A 157 -6.73 9.44 -24.12
CA LEU A 157 -7.78 10.14 -24.91
C LEU A 157 -8.78 9.10 -25.41
N ASP A 158 -8.33 8.13 -26.20
CA ASP A 158 -9.16 7.00 -26.65
C ASP A 158 -8.41 5.73 -26.28
N ASP A 159 -8.73 4.60 -26.88
CA ASP A 159 -7.93 3.38 -26.64
C ASP A 159 -6.70 3.37 -27.55
N ASN A 160 -6.52 4.38 -28.42
CA ASN A 160 -5.38 4.42 -29.38
C ASN A 160 -4.69 5.78 -29.33
N GLN A 161 -4.94 6.56 -28.28
CA GLN A 161 -4.46 7.97 -28.21
C GLN A 161 -4.23 8.35 -26.74
N ILE A 162 -3.10 8.99 -26.44
CA ILE A 162 -2.73 9.34 -25.04
C ILE A 162 -1.68 10.46 -25.06
N VAL A 163 -1.80 11.42 -24.15
CA VAL A 163 -0.79 12.52 -24.00
C VAL A 163 0.01 12.26 -22.72
N THR A 164 1.34 12.28 -22.83
CA THR A 164 2.23 12.03 -21.65
C THR A 164 3.23 13.18 -21.45
N SER A 165 3.28 13.77 -20.26
CA SER A 165 4.21 14.87 -19.91
C SER A 165 5.54 14.25 -19.49
N SER A 166 6.61 15.02 -19.58
CA SER A 166 7.94 14.52 -19.18
C SER A 166 8.80 15.65 -18.63
N GLY A 167 9.99 15.28 -18.14
CA GLY A 167 10.98 16.25 -17.66
C GLY A 167 11.89 16.72 -18.77
N ASP A 168 11.54 16.47 -20.03
CA ASP A 168 12.35 16.91 -21.21
C ASP A 168 11.82 18.26 -21.68
N THR A 169 11.14 19.02 -20.79
CA THR A 169 10.53 20.34 -21.12
C THR A 169 9.47 20.21 -22.22
N THR A 170 9.02 19.00 -22.53
CA THR A 170 8.07 18.81 -23.64
C THR A 170 7.07 17.70 -23.32
N CYS A 171 5.84 17.85 -23.80
CA CYS A 171 4.83 16.79 -23.69
C CYS A 171 4.67 16.14 -25.06
N ALA A 172 4.04 14.98 -25.10
CA ALA A 172 3.97 14.21 -26.36
C ALA A 172 2.64 13.49 -26.51
N LEU A 173 1.98 13.70 -27.64
CA LEU A 173 0.76 12.92 -27.97
C LEU A 173 1.23 11.72 -28.79
N TRP A 174 0.99 10.52 -28.27
CA TRP A 174 1.49 9.29 -28.93
C TRP A 174 0.41 8.65 -29.78
N ASP A 175 0.68 7.45 -30.28
CA ASP A 175 -0.30 6.67 -31.07
C ASP A 175 -0.02 5.23 -30.69
N ILE A 176 -0.91 4.60 -29.95
CA ILE A 176 -0.61 3.28 -29.32
C ILE A 176 -0.53 2.17 -30.38
N GLU A 177 -1.15 2.35 -31.54
CA GLU A 177 -1.17 1.29 -32.57
C GLU A 177 0.23 1.15 -33.19
N THR A 178 0.75 2.20 -33.78
CA THR A 178 2.08 2.16 -34.40
C THR A 178 3.14 2.20 -33.31
N GLY A 179 3.01 3.14 -32.36
CA GLY A 179 3.94 3.23 -31.24
C GLY A 179 4.83 4.47 -31.28
N GLN A 180 4.59 5.37 -32.24
CA GLN A 180 5.45 6.56 -32.46
C GLN A 180 4.94 7.78 -31.69
N GLN A 181 5.75 8.83 -31.61
CA GLN A 181 5.33 10.10 -30.95
C GLN A 181 4.56 10.91 -32.00
N THR A 182 3.23 10.80 -32.03
CA THR A 182 2.44 11.45 -33.11
C THR A 182 2.56 12.98 -33.08
N THR A 183 2.56 13.60 -31.91
CA THR A 183 2.60 15.08 -31.84
C THR A 183 3.51 15.52 -30.68
N THR A 184 4.36 16.52 -30.91
CA THR A 184 5.31 16.92 -29.85
C THR A 184 5.03 18.37 -29.46
N PHE A 185 4.79 18.61 -28.17
CA PHE A 185 4.48 19.96 -27.66
C PHE A 185 5.70 20.47 -26.89
N THR A 186 6.40 21.44 -27.45
CA THR A 186 7.59 22.05 -26.80
C THR A 186 7.26 23.50 -26.45
N GLY A 187 8.04 24.08 -25.56
CA GLY A 187 7.80 25.46 -25.14
C GLY A 187 8.03 25.69 -23.65
N HIS A 188 8.27 24.63 -22.89
CA HIS A 188 8.59 24.81 -21.46
C HIS A 188 10.09 24.98 -21.28
N THR A 189 10.48 25.54 -20.14
CA THR A 189 11.91 25.78 -19.82
C THR A 189 12.22 25.09 -18.50
N GLY A 190 11.53 24.00 -18.24
CA GLY A 190 11.66 23.28 -16.97
C GLY A 190 10.99 21.95 -17.15
N ASP A 191 10.88 21.17 -16.11
CA ASP A 191 10.37 19.79 -16.25
C ASP A 191 8.86 19.81 -16.02
N VAL A 192 8.10 19.53 -17.07
CA VAL A 192 6.62 19.54 -16.98
C VAL A 192 6.25 18.46 -15.96
N MET A 193 5.69 18.86 -14.81
CA MET A 193 5.31 17.93 -13.72
C MET A 193 3.90 17.38 -13.89
N SER A 194 3.04 18.00 -14.67
CA SER A 194 1.65 17.53 -14.71
C SER A 194 0.92 17.94 -15.99
N LEU A 195 -0.14 17.21 -16.31
CA LEU A 195 -1.07 17.63 -17.39
C LEU A 195 -2.44 17.08 -17.03
N SER A 196 -3.47 17.69 -17.56
CA SER A 196 -4.86 17.24 -17.31
C SER A 196 -5.63 17.38 -18.61
N LEU A 197 -6.26 16.30 -19.05
CA LEU A 197 -7.02 16.34 -20.31
C LEU A 197 -8.33 17.09 -20.13
N ALA A 198 -8.74 17.80 -21.15
CA ALA A 198 -10.01 18.55 -21.11
C ALA A 198 -11.16 17.55 -21.16
N PRO A 199 -12.34 17.88 -20.60
CA PRO A 199 -13.49 16.98 -20.70
C PRO A 199 -13.98 16.72 -22.14
N ASP A 200 -13.73 17.61 -23.08
CA ASP A 200 -14.11 17.37 -24.50
C ASP A 200 -12.97 16.65 -25.21
N THR A 201 -11.84 16.41 -24.54
CA THR A 201 -10.68 15.62 -25.05
C THR A 201 -10.12 16.18 -26.36
N ARG A 202 -10.03 17.50 -26.48
CA ARG A 202 -9.41 18.13 -27.67
C ARG A 202 -8.41 19.21 -27.25
N LEU A 203 -8.26 19.45 -25.95
CA LEU A 203 -7.25 20.41 -25.44
C LEU A 203 -6.64 19.81 -24.19
N PHE A 204 -5.56 20.40 -23.71
CA PHE A 204 -5.00 20.01 -22.40
C PHE A 204 -4.16 21.18 -21.90
N VAL A 205 -3.88 21.17 -20.61
CA VAL A 205 -3.02 22.19 -19.99
C VAL A 205 -1.87 21.44 -19.33
N SER A 206 -0.75 22.11 -19.18
CA SER A 206 0.44 21.49 -18.55
C SER A 206 1.13 22.50 -17.65
N GLY A 207 1.56 22.04 -16.48
CA GLY A 207 2.28 22.89 -15.53
C GLY A 207 3.69 22.39 -15.36
N ALA A 208 4.66 23.30 -15.31
CA ALA A 208 6.07 22.88 -15.29
C ALA A 208 6.85 23.53 -14.16
N CYS A 209 8.13 23.15 -14.04
CA CYS A 209 8.99 23.61 -12.93
C CYS A 209 9.53 25.01 -13.15
N ASP A 210 9.15 25.68 -14.23
CA ASP A 210 9.58 27.09 -14.45
C ASP A 210 8.48 28.04 -13.97
N ALA A 211 7.69 27.63 -12.98
CA ALA A 211 6.61 28.45 -12.36
C ALA A 211 5.60 28.92 -13.39
N SER A 212 5.22 28.10 -14.37
CA SER A 212 4.31 28.55 -15.45
C SER A 212 3.60 27.38 -16.12
N ALA A 213 2.27 27.47 -16.28
CA ALA A 213 1.48 26.46 -17.00
C ALA A 213 1.29 26.95 -18.44
N LYS A 214 0.69 26.15 -19.33
CA LYS A 214 0.40 26.60 -20.71
C LYS A 214 -0.68 25.70 -21.33
N LEU A 215 -1.71 26.29 -21.92
CA LEU A 215 -2.80 25.54 -22.58
C LEU A 215 -2.37 25.19 -24.00
N TRP A 216 -2.36 23.89 -24.29
CA TRP A 216 -1.95 23.36 -25.61
C TRP A 216 -3.14 22.70 -26.30
N ASP A 217 -3.13 22.70 -27.63
CA ASP A 217 -4.15 21.99 -28.42
C ASP A 217 -3.56 20.64 -28.84
N VAL A 218 -4.29 19.56 -28.59
CA VAL A 218 -3.78 18.20 -28.88
C VAL A 218 -3.84 17.91 -30.39
N ARG A 219 -4.56 18.74 -31.14
CA ARG A 219 -4.74 18.49 -32.60
C ARG A 219 -3.59 19.09 -33.39
N GLU A 220 -3.27 20.36 -33.15
CA GLU A 220 -2.29 21.07 -34.02
C GLU A 220 -0.92 21.24 -33.36
N GLY A 221 -0.77 20.88 -32.09
CA GLY A 221 0.51 21.13 -31.39
C GLY A 221 0.73 22.61 -31.18
N MET A 222 -0.33 23.38 -30.98
CA MET A 222 -0.24 24.85 -30.91
C MET A 222 -0.13 25.33 -29.47
N CYS A 223 0.78 26.25 -29.20
CA CYS A 223 0.88 26.87 -27.86
C CYS A 223 -0.20 27.95 -27.80
N ARG A 224 -1.40 27.58 -27.38
CA ARG A 224 -2.53 28.52 -27.43
C ARG A 224 -2.44 29.57 -26.33
N GLN A 225 -2.10 29.20 -25.11
CA GLN A 225 -2.12 30.20 -24.01
C GLN A 225 -1.02 29.89 -23.01
N THR A 226 -0.48 30.91 -22.32
CA THR A 226 0.53 30.71 -21.25
C THR A 226 -0.06 31.25 -19.95
N PHE A 227 0.21 30.60 -18.82
CA PHE A 227 -0.31 31.03 -17.49
C PHE A 227 0.87 31.19 -16.55
N THR A 228 0.87 32.22 -15.71
CA THR A 228 1.93 32.47 -14.70
C THR A 228 1.26 33.04 -13.45
N GLY A 229 2.01 33.24 -12.36
CA GLY A 229 1.44 33.74 -11.11
C GLY A 229 2.05 33.11 -9.87
N HIS A 230 2.80 32.03 -10.02
CA HIS A 230 3.38 31.33 -8.86
C HIS A 230 4.80 31.82 -8.63
N GLU A 231 5.42 31.35 -7.56
CA GLU A 231 6.86 31.64 -7.31
C GLU A 231 7.65 30.33 -7.42
N SER A 232 7.00 29.19 -7.30
CA SER A 232 7.70 27.89 -7.31
C SER A 232 7.10 27.00 -8.39
N ASP A 233 7.54 25.75 -8.44
CA ASP A 233 7.07 24.80 -9.45
C ASP A 233 5.61 24.40 -9.25
N ILE A 234 4.93 24.04 -10.33
CA ILE A 234 3.53 23.54 -10.25
C ILE A 234 3.59 22.03 -10.14
N ASN A 235 3.01 21.45 -9.10
CA ASN A 235 3.15 20.00 -8.83
C ASN A 235 1.98 19.17 -9.35
N ALA A 236 0.77 19.71 -9.41
CA ALA A 236 -0.36 18.96 -10.00
C ALA A 236 -1.41 19.89 -10.58
N ILE A 237 -2.31 19.35 -11.38
CA ILE A 237 -3.25 20.19 -12.17
C ILE A 237 -4.50 19.38 -12.50
N CYS A 238 -5.63 20.07 -12.65
CA CYS A 238 -6.91 19.46 -13.09
C CYS A 238 -7.78 20.56 -13.69
N PHE A 239 -8.82 20.17 -14.43
CA PHE A 239 -9.75 21.11 -15.05
C PHE A 239 -11.02 21.29 -14.25
N PHE A 240 -11.59 22.49 -14.30
CA PHE A 240 -12.96 22.71 -13.84
C PHE A 240 -13.82 21.79 -14.71
N PRO A 241 -14.81 21.08 -14.17
CA PRO A 241 -15.53 20.05 -14.94
C PRO A 241 -16.30 20.50 -16.20
N ASN A 242 -16.40 21.80 -16.45
CA ASN A 242 -17.05 22.27 -17.70
C ASN A 242 -15.99 22.62 -18.74
N GLY A 243 -14.71 22.51 -18.39
CA GLY A 243 -13.62 22.75 -19.35
C GLY A 243 -13.47 24.18 -19.79
N ASN A 244 -13.56 25.12 -18.86
CA ASN A 244 -13.34 26.55 -19.19
C ASN A 244 -12.45 27.21 -18.14
N ALA A 245 -12.01 26.48 -17.13
CA ALA A 245 -11.06 27.01 -16.13
C ALA A 245 -10.26 25.83 -15.59
N PHE A 246 -9.07 26.07 -15.02
CA PHE A 246 -8.20 24.97 -14.54
C PHE A 246 -7.41 25.46 -13.33
N ALA A 247 -7.44 24.70 -12.22
CA ALA A 247 -6.73 25.09 -10.98
C ALA A 247 -5.46 24.27 -10.83
N THR A 248 -4.33 24.90 -10.52
CA THR A 248 -3.03 24.21 -10.32
C THR A 248 -2.67 24.29 -8.84
N GLY A 249 -1.58 23.65 -8.43
CA GLY A 249 -1.11 23.65 -7.04
C GLY A 249 0.39 23.67 -6.96
N SER A 250 0.97 24.68 -6.34
CA SER A 250 2.45 24.82 -6.33
C SER A 250 3.09 24.24 -5.09
N ASP A 251 4.38 24.56 -4.90
CA ASP A 251 5.07 24.33 -3.62
C ASP A 251 5.11 25.69 -2.91
N ASP A 252 4.41 26.68 -3.46
CA ASP A 252 4.26 28.02 -2.86
C ASP A 252 3.17 27.93 -1.79
N ALA A 253 2.57 26.74 -1.58
CA ALA A 253 1.39 26.54 -0.69
C ALA A 253 0.25 27.38 -1.26
N THR A 254 0.16 27.47 -2.58
CA THR A 254 -0.95 28.18 -3.24
C THR A 254 -1.59 27.32 -4.30
N CYS A 255 -2.89 27.08 -4.17
CA CYS A 255 -3.67 26.53 -5.29
C CYS A 255 -4.21 27.80 -6.00
N ARG A 256 -4.17 27.81 -7.32
CA ARG A 256 -4.66 28.99 -8.06
C ARG A 256 -5.66 28.55 -9.13
N LEU A 257 -6.67 29.37 -9.35
CA LEU A 257 -7.68 29.08 -10.38
C LEU A 257 -7.50 30.11 -11.49
N PHE A 258 -7.12 29.64 -12.68
CA PHE A 258 -6.97 30.47 -13.88
C PHE A 258 -8.14 30.20 -14.83
N ASP A 259 -8.59 31.22 -15.53
CA ASP A 259 -9.63 31.04 -16.58
C ASP A 259 -8.92 30.96 -17.93
N LEU A 260 -9.33 30.03 -18.78
CA LEU A 260 -8.69 29.84 -20.09
C LEU A 260 -9.00 31.01 -21.03
N ARG A 261 -10.10 31.73 -20.80
CA ARG A 261 -10.50 32.84 -21.71
C ARG A 261 -10.13 34.21 -21.12
N ALA A 262 -10.16 34.37 -19.80
CA ALA A 262 -9.83 35.66 -19.15
C ALA A 262 -8.32 35.81 -19.05
N ASP A 263 -7.53 34.77 -19.34
CA ASP A 263 -6.05 34.84 -19.49
C ASP A 263 -5.29 35.21 -18.21
N GLN A 264 -5.97 35.34 -17.08
CA GLN A 264 -5.28 35.62 -15.80
C GLN A 264 -5.79 34.65 -14.74
N GLU A 265 -5.17 34.66 -13.57
CA GLU A 265 -5.66 33.83 -12.45
C GLU A 265 -6.96 34.42 -11.91
N LEU A 266 -8.02 33.62 -11.86
CA LEU A 266 -9.29 34.07 -11.25
C LEU A 266 -9.08 34.30 -9.75
N MET A 267 -8.69 33.29 -8.99
CA MET A 267 -8.43 33.57 -7.56
C MET A 267 -7.48 32.56 -6.91
N THR A 268 -6.88 32.96 -5.81
CA THR A 268 -5.86 32.16 -5.09
C THR A 268 -6.50 31.38 -3.94
N TYR A 269 -5.99 30.21 -3.63
CA TYR A 269 -6.59 29.32 -2.61
C TYR A 269 -5.55 28.99 -1.55
N SER A 270 -4.89 30.00 -0.97
CA SER A 270 -3.91 29.78 0.11
C SER A 270 -4.44 30.22 1.45
N HIS A 271 -3.89 29.67 2.52
CA HIS A 271 -4.19 30.12 3.89
C HIS A 271 -2.87 30.43 4.59
N ASP A 272 -2.89 31.35 5.55
CA ASP A 272 -1.65 31.80 6.23
C ASP A 272 -1.11 30.69 7.13
N ASN A 273 -1.98 29.82 7.64
CA ASN A 273 -1.56 28.75 8.56
C ASN A 273 -0.83 27.63 7.81
N ILE A 274 -0.89 27.64 6.48
CA ILE A 274 -0.29 26.53 5.68
C ILE A 274 1.22 26.70 5.63
N ILE A 275 1.94 25.63 5.92
CA ILE A 275 3.43 25.68 5.96
C ILE A 275 4.00 25.07 4.69
N CYS A 276 3.41 24.00 4.17
CA CYS A 276 4.01 23.26 3.04
C CYS A 276 3.17 23.33 1.77
N GLY A 277 3.72 22.85 0.66
CA GLY A 277 3.06 23.02 -0.65
C GLY A 277 2.09 21.93 -1.05
N ILE A 278 1.31 22.20 -2.08
CA ILE A 278 0.25 21.28 -2.58
C ILE A 278 0.87 20.19 -3.44
N THR A 279 0.43 18.95 -3.25
CA THR A 279 0.91 17.81 -4.06
C THR A 279 -0.14 17.39 -5.08
N SER A 280 -1.43 17.54 -4.80
CA SER A 280 -2.49 17.08 -5.73
C SER A 280 -3.65 18.06 -5.75
N VAL A 281 -4.39 18.09 -6.86
CA VAL A 281 -5.55 18.99 -7.03
C VAL A 281 -6.63 18.22 -7.76
N SER A 282 -7.88 18.33 -7.32
CA SER A 282 -9.04 17.65 -7.96
C SER A 282 -10.24 18.58 -7.89
N PHE A 283 -11.30 18.31 -8.65
CA PHE A 283 -12.55 19.11 -8.65
C PHE A 283 -13.73 18.20 -8.37
N SER A 284 -14.70 18.64 -7.55
CA SER A 284 -15.95 17.87 -7.33
C SER A 284 -16.73 17.90 -8.64
N LYS A 285 -17.85 17.19 -8.75
CA LYS A 285 -18.59 17.10 -10.02
C LYS A 285 -19.38 18.38 -10.28
N SER A 286 -19.76 19.10 -9.24
CA SER A 286 -20.46 20.39 -9.41
C SER A 286 -19.46 21.53 -9.61
N GLY A 287 -18.17 21.28 -9.47
CA GLY A 287 -17.18 22.36 -9.55
C GLY A 287 -17.25 23.28 -8.34
N ARG A 288 -17.78 22.80 -7.21
CA ARG A 288 -18.01 23.66 -6.01
C ARG A 288 -17.06 23.28 -4.87
N LEU A 289 -16.36 22.15 -4.96
CA LEU A 289 -15.38 21.73 -3.91
C LEU A 289 -14.03 21.43 -4.58
N LEU A 290 -13.13 22.40 -4.62
CA LEU A 290 -11.78 22.24 -5.23
C LEU A 290 -10.86 21.59 -4.20
N LEU A 291 -10.76 20.26 -4.21
CA LEU A 291 -9.95 19.51 -3.22
C LEU A 291 -8.46 19.77 -3.47
N ALA A 292 -7.61 19.56 -2.46
CA ALA A 292 -6.16 19.78 -2.57
C ALA A 292 -5.43 18.94 -1.53
N GLY A 293 -4.62 17.98 -1.96
CA GLY A 293 -3.80 17.21 -1.02
C GLY A 293 -2.54 17.98 -0.68
N TYR A 294 -2.14 18.00 0.58
CA TYR A 294 -0.98 18.82 1.00
C TYR A 294 0.17 17.94 1.45
N ASP A 295 1.31 18.55 1.76
CA ASP A 295 2.46 17.75 2.28
C ASP A 295 2.38 17.68 3.81
N ASP A 296 1.39 18.37 4.41
CA ASP A 296 1.22 18.39 5.88
C ASP A 296 0.49 17.12 6.33
N PHE A 297 0.42 16.11 5.46
CA PHE A 297 -0.20 14.80 5.81
C PHE A 297 -1.74 14.85 5.68
N ASN A 298 -2.30 15.94 5.15
CA ASN A 298 -3.78 16.06 5.09
C ASN A 298 -4.21 16.82 3.84
N CYS A 299 -5.41 16.53 3.31
CA CYS A 299 -5.93 17.30 2.15
C CYS A 299 -6.92 18.32 2.69
N ASN A 300 -7.20 19.40 1.94
CA ASN A 300 -8.20 20.43 2.33
C ASN A 300 -9.24 20.54 1.21
N VAL A 301 -10.53 20.35 1.52
CA VAL A 301 -11.63 20.50 0.53
C VAL A 301 -12.03 21.97 0.52
N TRP A 302 -11.46 22.78 -0.39
CA TRP A 302 -11.71 24.24 -0.44
C TRP A 302 -13.02 24.55 -1.15
N ASP A 303 -13.83 25.48 -0.64
CA ASP A 303 -15.03 25.94 -1.36
C ASP A 303 -14.50 26.77 -2.52
N ALA A 304 -14.67 26.31 -3.75
CA ALA A 304 -14.01 26.90 -4.93
C ALA A 304 -14.50 28.30 -5.31
N LEU A 305 -15.46 28.87 -4.59
CA LEU A 305 -15.95 30.24 -4.94
C LEU A 305 -15.59 31.26 -3.85
N LYS A 306 -15.44 30.84 -2.60
CA LYS A 306 -15.13 31.79 -1.50
C LYS A 306 -13.72 31.51 -0.94
N ALA A 307 -13.03 30.49 -1.42
CA ALA A 307 -11.64 30.12 -1.00
C ALA A 307 -11.54 29.86 0.50
N ASP A 308 -12.60 29.34 1.10
CA ASP A 308 -12.59 28.98 2.54
C ASP A 308 -12.48 27.47 2.65
N ARG A 309 -11.66 27.00 3.58
CA ARG A 309 -11.49 25.54 3.76
C ARG A 309 -12.78 25.00 4.36
N ALA A 310 -13.65 24.45 3.52
CA ALA A 310 -14.92 23.87 3.99
C ALA A 310 -14.71 22.38 4.30
N GLY A 311 -13.72 22.07 5.13
CA GLY A 311 -13.50 20.69 5.54
C GLY A 311 -12.07 20.25 5.36
N VAL A 312 -11.63 19.34 6.22
CA VAL A 312 -10.26 18.79 6.15
C VAL A 312 -10.37 17.28 6.24
N LEU A 313 -9.87 16.58 5.23
CA LEU A 313 -9.82 15.10 5.28
C LEU A 313 -8.51 14.77 5.99
N ALA A 314 -8.54 14.25 7.22
CA ALA A 314 -7.26 14.06 7.93
C ALA A 314 -7.09 12.63 8.49
N GLY A 315 -6.88 11.62 7.63
CA GLY A 315 -6.65 10.26 8.13
C GLY A 315 -5.30 9.64 7.82
N HIS A 316 -4.39 10.32 7.10
CA HIS A 316 -3.13 9.64 6.68
C HIS A 316 -1.97 9.91 7.64
N ASP A 317 -0.90 9.10 7.57
CA ASP A 317 0.21 9.25 8.54
C ASP A 317 1.45 9.77 7.82
N ASN A 318 1.32 10.10 6.53
CA ASN A 318 2.43 10.66 5.73
C ASN A 318 1.85 11.73 4.83
N ARG A 319 2.62 12.22 3.84
CA ARG A 319 2.18 13.35 2.98
C ARG A 319 1.22 12.83 1.91
N VAL A 320 0.11 13.54 1.67
CA VAL A 320 -0.88 13.15 0.62
C VAL A 320 -0.17 13.22 -0.73
N SER A 321 -0.39 12.25 -1.61
CA SER A 321 0.31 12.16 -2.92
C SER A 321 -0.66 12.21 -4.10
N CYS A 322 -1.89 11.72 -3.96
CA CYS A 322 -2.82 11.65 -5.11
C CYS A 322 -4.27 11.79 -4.67
N LEU A 323 -5.05 12.56 -5.42
CA LEU A 323 -6.51 12.70 -5.19
C LEU A 323 -7.27 12.29 -6.45
N GLY A 324 -8.51 11.84 -6.28
CA GLY A 324 -9.36 11.52 -7.44
C GLY A 324 -10.83 11.55 -7.09
N VAL A 325 -11.63 12.35 -7.79
CA VAL A 325 -13.11 12.39 -7.61
C VAL A 325 -13.71 11.59 -8.76
N THR A 326 -14.76 10.81 -8.51
CA THR A 326 -15.38 9.94 -9.55
C THR A 326 -16.11 10.75 -10.60
N ASP A 327 -16.60 10.09 -11.64
CA ASP A 327 -17.30 10.79 -12.74
C ASP A 327 -18.68 11.26 -12.29
N ASP A 328 -19.29 10.60 -11.33
CA ASP A 328 -20.59 11.07 -10.79
C ASP A 328 -20.38 11.96 -9.57
N GLY A 329 -19.19 11.93 -8.97
CA GLY A 329 -18.90 12.72 -7.76
C GLY A 329 -19.20 11.94 -6.49
N MET A 330 -19.44 10.64 -6.57
CA MET A 330 -19.89 9.84 -5.40
C MET A 330 -18.81 9.68 -4.33
N ALA A 331 -17.54 9.96 -4.62
CA ALA A 331 -16.48 9.71 -3.63
C ALA A 331 -15.26 10.55 -3.87
N VAL A 332 -14.27 10.47 -2.97
CA VAL A 332 -12.96 11.18 -3.09
C VAL A 332 -11.88 10.18 -2.65
N ALA A 333 -11.20 9.51 -3.58
CA ALA A 333 -10.13 8.60 -3.19
C ALA A 333 -8.89 9.45 -2.94
N THR A 334 -8.18 9.19 -1.85
CA THR A 334 -6.91 9.88 -1.55
C THR A 334 -5.86 8.81 -1.29
N GLY A 335 -4.63 9.10 -1.66
CA GLY A 335 -3.53 8.14 -1.48
C GLY A 335 -2.30 8.89 -1.00
N SER A 336 -1.56 8.30 -0.07
CA SER A 336 -0.43 8.98 0.56
C SER A 336 0.76 8.04 0.71
N TRP A 337 1.85 8.54 1.26
CA TRP A 337 3.11 7.75 1.31
C TRP A 337 3.07 6.67 2.39
N ASP A 338 1.99 6.53 3.13
CA ASP A 338 1.87 5.48 4.18
C ASP A 338 1.22 4.23 3.61
N SER A 339 1.11 4.10 2.28
CA SER A 339 0.58 2.89 1.58
C SER A 339 -0.91 2.67 1.82
N PHE A 340 -1.70 3.72 1.96
CA PHE A 340 -3.15 3.55 2.18
C PHE A 340 -3.97 4.53 1.35
N LEU A 341 -4.83 3.99 0.49
CA LEU A 341 -5.82 4.85 -0.18
C LEU A 341 -7.06 4.82 0.70
N LYS A 342 -7.60 6.00 1.04
CA LYS A 342 -8.82 6.12 1.89
C LYS A 342 -9.90 6.84 1.10
N ILE A 343 -11.05 6.20 0.87
CA ILE A 343 -12.20 6.84 0.17
C ILE A 343 -12.92 7.72 1.19
N TRP A 344 -13.39 8.91 0.80
CA TRP A 344 -14.11 9.85 1.69
C TRP A 344 -15.45 10.23 1.06
N ASN A 345 -16.57 10.01 1.75
CA ASN A 345 -17.91 10.36 1.24
C ASN A 345 -18.67 11.25 2.23
N ILE B 9 17.32 35.38 -35.80
CA ILE B 9 16.41 35.75 -36.93
C ILE B 9 15.24 34.77 -36.93
N ALA B 10 15.43 33.56 -36.40
CA ALA B 10 14.35 32.55 -36.32
C ALA B 10 14.45 31.79 -34.99
N GLN B 11 15.04 32.40 -33.97
CA GLN B 11 15.14 31.77 -32.64
C GLN B 11 14.01 32.28 -31.75
N ALA B 12 13.77 33.60 -31.74
CA ALA B 12 12.67 34.19 -30.96
C ALA B 12 11.48 34.46 -31.87
N ARG B 13 11.55 34.08 -33.13
CA ARG B 13 10.45 34.32 -34.09
C ARG B 13 9.25 33.43 -33.75
N LYS B 14 9.48 32.18 -33.40
CA LYS B 14 8.36 31.29 -33.01
C LYS B 14 7.83 31.73 -31.63
N LEU B 15 8.67 32.31 -30.79
CA LEU B 15 8.23 32.80 -29.48
C LEU B 15 7.32 34.02 -29.66
N VAL B 16 7.69 34.95 -30.50
CA VAL B 16 6.82 36.13 -30.73
C VAL B 16 5.63 35.73 -31.60
N GLU B 17 5.70 34.65 -32.35
CA GLU B 17 4.51 34.17 -33.12
C GLU B 17 3.52 33.54 -32.14
N GLN B 18 4.00 32.81 -31.14
CA GLN B 18 3.13 32.29 -30.08
C GLN B 18 2.56 33.46 -29.28
N LEU B 19 3.32 34.53 -29.11
CA LEU B 19 2.78 35.74 -28.43
C LEU B 19 1.82 36.49 -29.35
N LYS B 20 1.95 36.37 -30.67
CA LYS B 20 0.97 36.95 -31.60
C LYS B 20 -0.37 36.22 -31.47
N MET B 21 -0.34 34.89 -31.36
CA MET B 21 -1.60 34.15 -31.13
C MET B 21 -2.07 34.37 -29.70
N GLU B 22 -1.15 34.69 -28.78
CA GLU B 22 -1.54 35.00 -27.38
C GLU B 22 -1.92 36.48 -27.29
N ALA B 23 -1.72 37.22 -28.38
CA ALA B 23 -2.30 38.58 -28.55
C ALA B 23 -3.70 38.45 -29.15
N ASN B 24 -3.85 37.57 -30.14
CA ASN B 24 -5.16 37.32 -30.79
C ASN B 24 -5.83 36.13 -30.10
N ILE B 25 -6.30 36.31 -28.86
CA ILE B 25 -6.84 35.13 -28.13
C ILE B 25 -8.24 35.49 -27.61
N ASP B 26 -9.06 34.49 -27.31
CA ASP B 26 -10.44 34.84 -26.89
C ASP B 26 -10.29 35.68 -25.62
N ARG B 27 -11.02 36.78 -25.52
CA ARG B 27 -10.81 37.69 -24.36
C ARG B 27 -12.06 37.66 -23.48
N ILE B 28 -12.62 36.47 -23.24
CA ILE B 28 -13.76 36.43 -22.29
C ILE B 28 -13.14 36.70 -20.93
N LYS B 29 -13.53 37.78 -20.27
CA LYS B 29 -12.74 38.34 -19.14
C LYS B 29 -13.01 37.74 -17.76
N VAL B 30 -12.39 38.35 -16.76
CA VAL B 30 -12.46 37.84 -15.37
C VAL B 30 -13.83 38.07 -14.75
N SER B 31 -14.68 38.88 -15.35
CA SER B 31 -16.09 39.02 -14.89
C SER B 31 -17.05 38.55 -15.98
N LYS B 32 -16.56 38.26 -17.18
CA LYS B 32 -17.40 37.69 -18.26
C LYS B 32 -17.44 36.18 -18.07
N ALA B 33 -16.40 35.59 -17.48
CA ALA B 33 -16.31 34.13 -17.23
C ALA B 33 -16.46 33.87 -15.72
N ALA B 34 -16.60 34.91 -14.90
CA ALA B 34 -16.83 34.77 -13.43
C ALA B 34 -18.21 34.16 -13.21
N ALA B 35 -19.23 34.60 -13.95
CA ALA B 35 -20.62 34.11 -13.79
C ALA B 35 -20.77 32.77 -14.51
N ASP B 36 -19.73 32.29 -15.20
CA ASP B 36 -19.75 30.97 -15.88
C ASP B 36 -19.39 29.89 -14.86
N LEU B 37 -18.50 30.19 -13.90
CA LEU B 37 -18.11 29.22 -12.84
C LEU B 37 -19.22 29.19 -11.78
N MET B 38 -19.83 30.32 -11.48
CA MET B 38 -20.96 30.36 -10.52
C MET B 38 -22.17 29.65 -11.13
N ALA B 39 -22.35 29.74 -12.44
CA ALA B 39 -23.48 29.08 -13.11
C ALA B 39 -23.25 27.57 -13.13
N TYR B 40 -22.01 27.12 -13.29
CA TYR B 40 -21.74 25.67 -13.30
C TYR B 40 -21.84 25.11 -11.87
N CYS B 41 -21.36 25.84 -10.88
CA CYS B 41 -21.37 25.29 -9.50
C CYS B 41 -22.75 25.44 -8.86
N GLU B 42 -23.59 26.32 -9.39
CA GLU B 42 -24.96 26.46 -8.85
C GLU B 42 -25.88 25.43 -9.51
N ALA B 43 -25.93 25.39 -10.83
CA ALA B 43 -26.92 24.55 -11.55
C ALA B 43 -26.62 23.05 -11.44
N HIS B 44 -25.44 22.66 -10.95
CA HIS B 44 -25.13 21.22 -10.77
C HIS B 44 -24.90 20.90 -9.29
N ALA B 45 -25.43 21.70 -8.37
CA ALA B 45 -25.20 21.49 -6.93
C ALA B 45 -25.97 20.28 -6.41
N LYS B 46 -27.07 19.91 -7.03
CA LYS B 46 -27.90 18.79 -6.53
C LYS B 46 -27.33 17.45 -7.00
N GLU B 47 -26.48 17.44 -8.01
CA GLU B 47 -25.94 16.17 -8.56
C GLU B 47 -24.64 15.78 -7.87
N ASP B 48 -24.03 16.67 -7.09
CA ASP B 48 -22.72 16.42 -6.45
C ASP B 48 -22.90 15.63 -5.15
N PRO B 49 -22.39 14.40 -5.06
CA PRO B 49 -22.50 13.62 -3.84
C PRO B 49 -21.50 13.97 -2.73
N LEU B 50 -20.71 15.02 -2.90
CA LEU B 50 -19.73 15.44 -1.87
C LEU B 50 -20.12 16.80 -1.28
N LEU B 51 -20.65 17.71 -2.09
CA LEU B 51 -21.14 19.00 -1.56
C LEU B 51 -22.42 18.74 -0.76
N THR B 52 -23.46 18.25 -1.42
CA THR B 52 -24.71 17.86 -0.71
C THR B 52 -24.66 16.34 -0.56
N PRO B 53 -24.40 15.79 0.63
CA PRO B 53 -24.23 14.35 0.78
C PRO B 53 -25.48 13.53 0.45
N VAL B 54 -25.29 12.37 -0.17
CA VAL B 54 -26.41 11.48 -0.58
C VAL B 54 -26.96 10.82 0.68
N PRO B 55 -28.25 10.47 0.74
CA PRO B 55 -28.75 9.65 1.85
C PRO B 55 -28.03 8.30 1.90
N ALA B 56 -27.87 7.74 3.09
CA ALA B 56 -27.09 6.49 3.30
C ALA B 56 -27.75 5.24 2.69
N SER B 57 -28.87 5.38 1.99
CA SER B 57 -29.50 4.24 1.27
C SER B 57 -29.04 4.23 -0.19
N GLU B 58 -28.67 5.38 -0.74
CA GLU B 58 -28.19 5.47 -2.14
C GLU B 58 -26.66 5.49 -2.18
N ASN B 59 -26.01 5.29 -1.05
CA ASN B 59 -24.54 5.33 -0.97
C ASN B 59 -23.97 3.95 -1.28
N PRO B 60 -23.22 3.76 -2.38
CA PRO B 60 -22.70 2.43 -2.71
C PRO B 60 -21.44 2.02 -1.95
N PHE B 61 -20.83 2.94 -1.19
CA PHE B 61 -19.60 2.63 -0.42
C PHE B 61 -19.98 2.31 1.03
N VAL C 2 -5.87 -21.37 -27.36
CA VAL C 2 -6.57 -22.07 -26.24
C VAL C 2 -7.05 -23.43 -26.73
N GLN C 3 -6.75 -24.48 -25.98
CA GLN C 3 -7.14 -25.83 -26.39
C GLN C 3 -7.39 -26.69 -25.16
N LEU C 4 -8.66 -26.88 -24.81
CA LEU C 4 -9.02 -27.84 -23.73
C LEU C 4 -9.35 -29.16 -24.42
N VAL C 5 -8.80 -30.25 -23.92
CA VAL C 5 -9.01 -31.56 -24.57
C VAL C 5 -9.09 -32.63 -23.48
N GLU C 6 -10.13 -33.45 -23.53
CA GLU C 6 -10.38 -34.44 -22.46
C GLU C 6 -10.04 -35.84 -22.93
N SER C 7 -10.02 -36.80 -21.99
CA SER C 7 -9.79 -38.24 -22.29
C SER C 7 -10.60 -39.06 -21.29
N GLY C 8 -10.45 -40.39 -21.25
CA GLY C 8 -11.12 -41.25 -20.25
C GLY C 8 -12.50 -41.71 -20.67
N GLY C 9 -12.88 -41.54 -21.94
CA GLY C 9 -14.21 -41.96 -22.46
C GLY C 9 -14.17 -43.40 -22.95
N GLY C 10 -15.33 -44.05 -23.12
CA GLY C 10 -15.37 -45.46 -23.51
C GLY C 10 -16.57 -46.16 -22.94
N LEU C 11 -16.65 -47.47 -23.15
CA LEU C 11 -17.81 -48.27 -22.65
C LEU C 11 -17.41 -48.89 -21.30
N VAL C 12 -18.33 -48.86 -20.35
CA VAL C 12 -18.09 -49.50 -19.03
C VAL C 12 -19.37 -50.21 -18.61
N GLN C 13 -19.23 -51.30 -17.86
CA GLN C 13 -20.40 -52.01 -17.31
C GLN C 13 -20.78 -51.37 -15.98
N PRO C 14 -22.05 -51.47 -15.53
CA PRO C 14 -22.44 -50.85 -14.28
C PRO C 14 -21.73 -51.45 -13.06
N GLY C 15 -21.66 -50.64 -12.00
CA GLY C 15 -20.96 -51.06 -10.77
C GLY C 15 -19.50 -50.67 -10.79
N GLY C 16 -18.96 -50.28 -11.94
CA GLY C 16 -17.53 -49.97 -12.06
C GLY C 16 -17.21 -48.55 -11.65
N SER C 17 -15.98 -48.10 -11.90
CA SER C 17 -15.51 -46.72 -11.57
C SER C 17 -14.64 -46.19 -12.72
N ARG C 18 -15.13 -45.22 -13.51
CA ARG C 18 -14.37 -44.60 -14.64
C ARG C 18 -13.67 -43.35 -14.11
N LYS C 19 -12.72 -42.76 -14.85
CA LYS C 19 -12.03 -41.50 -14.45
C LYS C 19 -11.68 -40.69 -15.70
N LEU C 20 -11.81 -39.36 -15.66
CA LEU C 20 -11.61 -38.51 -16.87
C LEU C 20 -10.56 -37.44 -16.57
N SER C 21 -9.73 -37.13 -17.56
CA SER C 21 -8.71 -36.06 -17.45
C SER C 21 -9.04 -34.96 -18.45
N CYS C 22 -8.75 -33.72 -18.09
CA CYS C 22 -8.98 -32.55 -18.98
C CYS C 22 -7.66 -31.79 -19.11
N SER C 23 -6.87 -32.13 -20.12
CA SER C 23 -5.58 -31.46 -20.35
C SER C 23 -5.81 -30.11 -21.01
N ALA C 24 -5.24 -29.06 -20.45
CA ALA C 24 -5.38 -27.69 -20.97
C ALA C 24 -4.08 -27.26 -21.65
N SER C 25 -4.19 -26.52 -22.73
CA SER C 25 -2.99 -26.06 -23.48
C SER C 25 -3.28 -24.69 -24.08
N GLY C 26 -2.72 -23.63 -23.52
CA GLY C 26 -2.85 -22.30 -24.15
C GLY C 26 -3.38 -21.22 -23.23
N PHE C 27 -3.54 -21.50 -21.95
CA PHE C 27 -4.00 -20.45 -21.00
C PHE C 27 -3.46 -20.74 -19.60
N ALA C 28 -3.78 -19.85 -18.66
CA ALA C 28 -3.28 -19.96 -17.26
C ALA C 28 -4.26 -20.80 -16.45
N PHE C 29 -4.09 -22.12 -16.47
CA PHE C 29 -5.05 -23.06 -15.84
C PHE C 29 -5.13 -22.87 -14.33
N SER C 30 -4.09 -22.31 -13.71
CA SER C 30 -4.05 -22.10 -12.24
C SER C 30 -4.84 -20.86 -11.85
N SER C 31 -5.37 -20.12 -12.81
CA SER C 31 -6.16 -18.89 -12.53
C SER C 31 -7.61 -19.06 -13.00
N PHE C 32 -8.00 -20.27 -13.41
CA PHE C 32 -9.37 -20.51 -13.90
C PHE C 32 -10.07 -21.57 -13.08
N GLY C 33 -11.31 -21.31 -12.72
CA GLY C 33 -12.16 -22.35 -12.10
C GLY C 33 -12.64 -23.28 -13.21
N MET C 34 -12.89 -24.53 -12.89
CA MET C 34 -13.24 -25.51 -13.94
C MET C 34 -14.56 -26.21 -13.62
N HIS C 35 -15.48 -26.16 -14.56
CA HIS C 35 -16.73 -26.93 -14.43
C HIS C 35 -16.67 -28.20 -15.25
N TRP C 36 -17.30 -29.25 -14.76
CA TRP C 36 -17.54 -30.45 -15.58
C TRP C 36 -19.03 -30.40 -15.93
N VAL C 37 -19.36 -30.43 -17.21
CA VAL C 37 -20.76 -30.43 -17.70
C VAL C 37 -20.95 -31.75 -18.43
N ARG C 38 -22.15 -32.28 -18.47
CA ARG C 38 -22.40 -33.49 -19.28
C ARG C 38 -23.62 -33.27 -20.16
N GLN C 39 -23.78 -34.15 -21.13
CA GLN C 39 -24.93 -34.08 -22.06
C GLN C 39 -25.31 -35.50 -22.45
N ALA C 40 -26.53 -35.89 -22.11
CA ALA C 40 -27.04 -37.22 -22.47
C ALA C 40 -27.28 -37.25 -23.99
N PRO C 41 -27.22 -38.43 -24.63
CA PRO C 41 -27.51 -38.53 -26.06
C PRO C 41 -28.90 -38.03 -26.45
N GLU C 42 -28.96 -37.07 -27.38
CA GLU C 42 -30.21 -36.44 -27.93
C GLU C 42 -31.22 -36.04 -26.85
N LYS C 43 -30.75 -35.67 -25.66
CA LYS C 43 -31.68 -35.20 -24.60
C LYS C 43 -31.36 -33.76 -24.20
N GLY C 44 -30.15 -33.46 -23.79
CA GLY C 44 -29.78 -32.08 -23.48
C GLY C 44 -28.67 -31.99 -22.45
N LEU C 45 -28.23 -30.78 -22.16
CA LEU C 45 -27.08 -30.56 -21.26
C LEU C 45 -27.49 -30.77 -19.80
N GLU C 46 -26.50 -31.02 -18.95
CA GLU C 46 -26.75 -31.21 -17.50
C GLU C 46 -25.45 -30.96 -16.76
N TRP C 47 -25.42 -29.96 -15.90
CA TRP C 47 -24.19 -29.59 -15.16
C TRP C 47 -23.83 -30.68 -14.15
N VAL C 48 -22.54 -30.91 -13.93
CA VAL C 48 -22.11 -32.00 -13.03
C VAL C 48 -21.36 -31.45 -11.83
N ALA C 49 -20.25 -30.75 -12.02
CA ALA C 49 -19.41 -30.38 -10.88
C ALA C 49 -18.63 -29.10 -11.15
N TYR C 50 -18.02 -28.56 -10.10
CA TYR C 50 -17.27 -27.30 -10.23
C TYR C 50 -16.16 -27.25 -9.19
N ILE C 51 -14.99 -26.69 -9.54
CA ILE C 51 -13.83 -26.55 -8.60
C ILE C 51 -13.18 -25.17 -8.79
N SER C 52 -13.36 -24.25 -7.83
CA SER C 52 -12.81 -22.86 -7.91
C SER C 52 -11.28 -22.85 -7.88
N SER C 53 -10.64 -21.82 -8.42
CA SER C 53 -9.16 -21.67 -8.46
C SER C 53 -8.52 -21.97 -7.10
N GLY C 54 -7.37 -22.65 -7.08
CA GLY C 54 -6.68 -23.01 -5.84
C GLY C 54 -7.34 -24.16 -5.12
N SER C 55 -8.26 -24.88 -5.77
CA SER C 55 -8.94 -26.09 -5.22
C SER C 55 -9.74 -25.79 -3.95
N GLY C 56 -10.13 -24.55 -3.72
CA GLY C 56 -10.83 -24.20 -2.49
C GLY C 56 -12.30 -24.60 -2.52
N THR C 57 -13.10 -23.94 -3.35
CA THR C 57 -14.55 -24.21 -3.42
C THR C 57 -14.81 -25.36 -4.38
N ILE C 58 -15.51 -26.39 -3.91
CA ILE C 58 -15.89 -27.54 -4.77
C ILE C 58 -17.40 -27.75 -4.62
N TYR C 59 -18.13 -27.77 -5.71
CA TYR C 59 -19.58 -27.97 -5.70
C TYR C 59 -19.94 -29.15 -6.61
N TYR C 60 -21.07 -29.79 -6.35
CA TYR C 60 -21.54 -30.90 -7.19
C TYR C 60 -23.02 -30.74 -7.50
N ALA C 61 -23.51 -31.53 -8.44
CA ALA C 61 -24.96 -31.60 -8.71
C ALA C 61 -25.56 -32.60 -7.72
N ASP C 62 -26.79 -32.37 -7.28
CA ASP C 62 -27.39 -33.23 -6.23
C ASP C 62 -27.77 -34.61 -6.77
N THR C 63 -27.72 -34.83 -8.07
CA THR C 63 -27.97 -36.16 -8.65
C THR C 63 -26.85 -37.11 -8.26
N VAL C 64 -25.60 -36.67 -8.37
CA VAL C 64 -24.44 -37.56 -8.11
C VAL C 64 -23.54 -36.95 -7.04
N LYS C 65 -24.12 -36.15 -6.13
CA LYS C 65 -23.31 -35.51 -5.07
C LYS C 65 -22.80 -36.58 -4.10
N GLY C 66 -21.49 -36.65 -3.95
CA GLY C 66 -20.88 -37.68 -3.09
C GLY C 66 -20.58 -38.94 -3.88
N ARG C 67 -21.08 -39.05 -5.11
CA ARG C 67 -20.85 -40.25 -5.94
C ARG C 67 -19.71 -39.99 -6.94
N PHE C 68 -19.41 -38.72 -7.22
CA PHE C 68 -18.24 -38.38 -8.06
C PHE C 68 -17.21 -37.70 -7.17
N THR C 69 -16.01 -37.47 -7.69
CA THR C 69 -15.03 -36.64 -6.94
C THR C 69 -14.22 -35.84 -7.95
N ILE C 70 -13.71 -34.70 -7.52
CA ILE C 70 -13.02 -33.74 -8.42
C ILE C 70 -11.57 -33.61 -7.98
N SER C 71 -10.63 -33.76 -8.91
CA SER C 71 -9.19 -33.59 -8.62
C SER C 71 -8.62 -32.54 -9.58
N ARG C 72 -7.51 -31.91 -9.21
CA ARG C 72 -6.94 -30.82 -10.05
C ARG C 72 -5.41 -30.75 -9.86
N ASP C 73 -4.65 -30.65 -10.96
CA ASP C 73 -3.18 -30.52 -10.92
C ASP C 73 -2.86 -29.19 -11.58
N ASP C 74 -2.49 -28.19 -10.78
CA ASP C 74 -2.28 -26.79 -11.25
C ASP C 74 -0.89 -26.56 -11.88
N PRO C 75 0.25 -27.05 -11.36
CA PRO C 75 1.51 -26.90 -12.09
C PRO C 75 1.70 -27.93 -13.21
N LYS C 76 0.67 -28.71 -13.53
CA LYS C 76 0.70 -29.68 -14.65
C LYS C 76 -0.45 -29.40 -15.61
N ASN C 77 -1.43 -28.60 -15.20
CA ASN C 77 -2.63 -28.27 -16.01
C ASN C 77 -3.39 -29.54 -16.38
N THR C 78 -3.90 -30.26 -15.40
CA THR C 78 -4.71 -31.46 -15.69
C THR C 78 -5.83 -31.56 -14.67
N LEU C 79 -7.07 -31.57 -15.16
CA LEU C 79 -8.27 -31.61 -14.28
C LEU C 79 -8.91 -32.99 -14.36
N PHE C 80 -9.15 -33.61 -13.21
CA PHE C 80 -9.70 -34.97 -13.17
C PHE C 80 -11.09 -35.04 -12.58
N LEU C 81 -11.91 -35.95 -13.09
CA LEU C 81 -13.22 -36.28 -12.48
C LEU C 81 -13.20 -37.80 -12.27
N GLN C 82 -13.26 -38.26 -11.04
CA GLN C 82 -13.23 -39.71 -10.73
C GLN C 82 -14.63 -40.14 -10.32
N MET C 83 -15.28 -40.91 -11.17
CA MET C 83 -16.67 -41.38 -10.91
C MET C 83 -16.60 -42.75 -10.24
N THR C 84 -17.33 -42.92 -9.14
CA THR C 84 -17.20 -44.14 -8.30
C THR C 84 -18.16 -45.25 -8.68
N SER C 85 -19.41 -44.94 -9.00
CA SER C 85 -20.41 -45.97 -9.40
C SER C 85 -21.23 -45.40 -10.55
N LEU C 86 -21.39 -46.19 -11.61
CA LEU C 86 -22.00 -45.66 -12.85
C LEU C 86 -23.26 -46.45 -13.23
N ARG C 87 -24.41 -45.80 -13.21
CA ARG C 87 -25.67 -46.40 -13.68
C ARG C 87 -25.86 -46.09 -15.16
N SER C 88 -27.01 -46.42 -15.72
CA SER C 88 -27.29 -46.20 -17.16
C SER C 88 -27.73 -44.76 -17.43
N GLU C 89 -27.57 -43.85 -16.48
CA GLU C 89 -27.86 -42.41 -16.69
C GLU C 89 -26.56 -41.62 -16.74
N ASP C 90 -25.47 -42.18 -16.22
CA ASP C 90 -24.16 -41.50 -16.25
C ASP C 90 -23.58 -41.48 -17.66
N THR C 91 -24.12 -42.28 -18.57
CA THR C 91 -23.66 -42.27 -19.98
C THR C 91 -23.97 -40.92 -20.62
N ALA C 92 -22.94 -40.24 -21.07
CA ALA C 92 -23.09 -38.88 -21.63
C ALA C 92 -21.83 -38.46 -22.35
N MET C 93 -21.92 -37.34 -23.05
CA MET C 93 -20.71 -36.68 -23.60
C MET C 93 -20.34 -35.66 -22.51
N TYR C 94 -19.15 -35.79 -21.94
CA TYR C 94 -18.72 -34.92 -20.83
C TYR C 94 -17.83 -33.80 -21.37
N TYR C 95 -18.11 -32.58 -20.95
CA TYR C 95 -17.35 -31.39 -21.38
C TYR C 95 -16.64 -30.78 -20.18
N CYS C 96 -15.53 -30.12 -20.44
CA CYS C 96 -14.67 -29.51 -19.39
C CYS C 96 -14.59 -28.02 -19.71
N VAL C 97 -15.29 -27.20 -18.94
CA VAL C 97 -15.44 -25.77 -19.26
C VAL C 97 -14.62 -24.92 -18.31
N ARG C 98 -13.95 -23.91 -18.84
CA ARG C 98 -13.19 -22.98 -17.98
C ARG C 98 -14.10 -21.83 -17.56
N SER C 99 -13.75 -21.19 -16.46
CA SER C 99 -14.60 -20.14 -15.88
C SER C 99 -13.75 -19.24 -14.99
N ILE C 100 -13.64 -17.96 -15.32
CA ILE C 100 -12.88 -17.02 -14.47
C ILE C 100 -13.88 -16.03 -13.87
N TYR C 101 -13.75 -15.76 -12.59
CA TYR C 101 -14.74 -14.93 -11.88
C TYR C 101 -14.10 -13.66 -11.34
N TYR C 102 -14.36 -12.53 -11.97
CA TYR C 102 -13.97 -11.21 -11.43
C TYR C 102 -15.07 -10.26 -11.91
N TYR C 103 -14.92 -8.98 -11.65
CA TYR C 103 -15.96 -8.02 -12.06
C TYR C 103 -15.90 -7.83 -13.57
N GLY C 104 -16.88 -8.38 -14.29
CA GLY C 104 -16.97 -8.17 -15.75
C GLY C 104 -16.47 -9.33 -16.60
N SER C 105 -16.23 -10.50 -16.02
CA SER C 105 -15.65 -11.61 -16.81
C SER C 105 -16.71 -12.29 -17.67
N SER C 106 -16.30 -13.21 -18.54
CA SER C 106 -17.22 -14.05 -19.35
C SER C 106 -16.98 -15.46 -18.84
N PRO C 107 -17.64 -15.86 -17.73
CA PRO C 107 -17.27 -17.10 -17.06
C PRO C 107 -17.80 -18.44 -17.58
N PHE C 108 -18.14 -18.57 -18.84
CA PHE C 108 -18.43 -19.91 -19.45
C PHE C 108 -17.93 -19.82 -20.88
N ASP C 109 -16.79 -19.18 -21.08
CA ASP C 109 -16.34 -18.79 -22.42
C ASP C 109 -15.88 -19.96 -23.29
N PHE C 110 -14.87 -20.69 -22.89
CA PHE C 110 -14.32 -21.74 -23.78
C PHE C 110 -14.71 -23.13 -23.28
N TRP C 111 -15.38 -23.88 -24.13
CA TRP C 111 -15.80 -25.27 -23.81
C TRP C 111 -14.82 -26.26 -24.42
N GLY C 112 -14.56 -27.34 -23.71
CA GLY C 112 -13.68 -28.39 -24.24
C GLY C 112 -14.34 -29.19 -25.34
N GLN C 113 -13.59 -30.07 -25.96
CA GLN C 113 -14.10 -30.83 -27.12
C GLN C 113 -15.05 -31.95 -26.71
N GLY C 114 -15.11 -32.30 -25.43
CA GLY C 114 -16.05 -33.34 -24.96
C GLY C 114 -15.50 -34.74 -25.14
N THR C 115 -15.98 -35.69 -24.34
CA THR C 115 -15.54 -37.10 -24.46
C THR C 115 -16.76 -38.00 -24.22
N THR C 116 -16.85 -39.08 -24.97
CA THR C 116 -18.03 -39.97 -24.89
C THR C 116 -17.83 -41.03 -23.82
N LEU C 117 -18.80 -41.18 -22.92
CA LEU C 117 -18.76 -42.27 -21.91
C LEU C 117 -20.09 -43.01 -22.00
N THR C 118 -20.04 -44.32 -22.11
CA THR C 118 -21.25 -45.13 -22.33
C THR C 118 -21.33 -46.26 -21.32
N VAL C 119 -22.46 -46.34 -20.62
CA VAL C 119 -22.70 -47.43 -19.63
C VAL C 119 -23.77 -48.32 -20.22
N SER C 120 -23.49 -49.62 -20.26
CA SER C 120 -24.46 -50.59 -20.82
C SER C 120 -25.63 -50.77 -19.87
N SER C 121 -26.76 -51.25 -20.39
CA SER C 121 -27.96 -51.50 -19.56
C SER C 121 -27.88 -52.91 -18.96
N SER C 136 -37.13 -26.44 -4.70
CA SER C 136 -35.69 -26.41 -4.30
C SER C 136 -34.84 -25.93 -5.47
N ASP C 137 -34.48 -26.83 -6.37
CA ASP C 137 -33.62 -26.49 -7.52
C ASP C 137 -34.42 -25.67 -8.52
N ILE C 138 -33.74 -24.79 -9.25
CA ILE C 138 -34.43 -23.92 -10.23
C ILE C 138 -34.71 -24.74 -11.48
N VAL C 139 -35.95 -24.71 -11.95
CA VAL C 139 -36.33 -25.39 -13.21
C VAL C 139 -36.37 -24.35 -14.32
N MET C 140 -35.68 -24.62 -15.41
CA MET C 140 -35.71 -23.73 -16.59
C MET C 140 -36.38 -24.49 -17.73
N THR C 141 -37.39 -23.88 -18.33
CA THR C 141 -38.20 -24.55 -19.38
C THR C 141 -37.99 -23.87 -20.73
N GLN C 142 -37.69 -24.66 -21.76
CA GLN C 142 -37.61 -24.12 -23.14
C GLN C 142 -38.89 -24.47 -23.86
N ALA C 143 -39.36 -23.59 -24.75
CA ALA C 143 -40.70 -23.72 -25.35
C ALA C 143 -40.84 -24.84 -26.37
N THR C 144 -39.79 -25.19 -27.09
CA THR C 144 -39.95 -26.17 -28.20
C THR C 144 -38.78 -27.14 -28.25
N SER C 145 -38.71 -27.92 -29.34
CA SER C 145 -37.58 -28.84 -29.57
C SER C 145 -37.12 -28.77 -31.03
N SER C 146 -37.87 -28.12 -31.92
CA SER C 146 -37.50 -28.01 -33.35
C SER C 146 -38.20 -26.80 -33.95
N VAL C 147 -37.44 -25.92 -34.59
CA VAL C 147 -38.02 -24.73 -35.28
C VAL C 147 -37.46 -24.71 -36.70
N PRO C 148 -38.28 -24.89 -37.75
CA PRO C 148 -37.78 -24.83 -39.11
C PRO C 148 -37.70 -23.38 -39.63
N VAL C 149 -36.58 -23.05 -40.25
CA VAL C 149 -36.38 -21.67 -40.77
C VAL C 149 -35.38 -21.69 -41.91
N THR C 150 -35.44 -20.68 -42.78
CA THR C 150 -34.50 -20.50 -43.91
C THR C 150 -33.54 -19.35 -43.56
N PRO C 151 -32.38 -19.23 -44.22
CA PRO C 151 -31.52 -18.07 -43.98
C PRO C 151 -32.18 -16.74 -44.38
N GLY C 152 -31.77 -15.66 -43.70
CA GLY C 152 -32.31 -14.32 -43.97
C GLY C 152 -33.53 -14.00 -43.11
N GLU C 153 -33.95 -14.93 -42.25
CA GLU C 153 -35.16 -14.74 -41.41
C GLU C 153 -34.75 -14.56 -39.96
N SER C 154 -35.17 -13.46 -39.33
CA SER C 154 -34.82 -13.19 -37.92
C SER C 154 -35.64 -14.11 -37.01
N VAL C 155 -34.98 -14.82 -36.12
CA VAL C 155 -35.66 -15.82 -35.26
C VAL C 155 -35.60 -15.36 -33.80
N SER C 156 -36.65 -15.63 -33.04
CA SER C 156 -36.66 -15.34 -31.60
C SER C 156 -36.83 -16.65 -30.84
N ILE C 157 -35.93 -16.93 -29.89
CA ILE C 157 -36.05 -18.10 -29.00
C ILE C 157 -36.37 -17.55 -27.62
N SER C 158 -37.09 -18.32 -26.81
CA SER C 158 -37.46 -17.87 -25.45
C SER C 158 -37.38 -19.03 -24.47
N CYS C 159 -37.04 -18.72 -23.23
CA CYS C 159 -37.08 -19.75 -22.15
C CYS C 159 -37.52 -19.08 -20.85
N ARG C 160 -38.10 -19.88 -19.97
CA ARG C 160 -38.67 -19.36 -18.70
C ARG C 160 -37.95 -19.98 -17.52
N SER C 161 -37.89 -19.25 -16.41
CA SER C 161 -37.23 -19.73 -15.18
C SER C 161 -38.25 -19.84 -14.04
N SER C 162 -37.90 -20.57 -13.01
CA SER C 162 -38.78 -20.72 -11.83
C SER C 162 -38.69 -19.45 -10.97
N LYS C 163 -37.51 -19.13 -10.47
CA LYS C 163 -37.32 -17.91 -9.66
C LYS C 163 -36.95 -16.73 -10.55
N SER C 164 -36.94 -15.54 -9.98
CA SER C 164 -36.44 -14.36 -10.70
C SER C 164 -34.92 -14.42 -10.70
N LEU C 165 -34.30 -14.47 -11.88
CA LEU C 165 -32.83 -14.57 -11.96
C LEU C 165 -32.18 -13.23 -11.64
N LEU C 166 -32.94 -12.14 -11.63
CA LEU C 166 -32.40 -10.81 -11.30
C LEU C 166 -32.03 -10.78 -9.83
N HIS C 167 -30.73 -10.80 -9.54
CA HIS C 167 -30.25 -10.73 -8.14
C HIS C 167 -30.33 -9.28 -7.65
N SER C 168 -29.96 -9.05 -6.41
CA SER C 168 -29.93 -7.69 -5.83
C SER C 168 -28.74 -6.88 -6.36
N ASN C 169 -27.76 -7.53 -6.97
CA ASN C 169 -26.63 -6.80 -7.57
C ASN C 169 -27.09 -6.05 -8.80
N GLY C 170 -28.08 -6.59 -9.51
CA GLY C 170 -28.52 -6.04 -10.81
C GLY C 170 -28.19 -7.03 -11.90
N ASN C 171 -27.31 -7.99 -11.59
CA ASN C 171 -26.89 -9.01 -12.57
C ASN C 171 -28.00 -10.05 -12.72
N THR C 172 -28.30 -10.42 -13.96
CA THR C 172 -29.30 -11.49 -14.24
C THR C 172 -28.50 -12.66 -14.78
N TYR C 173 -28.25 -13.66 -13.95
CA TYR C 173 -27.28 -14.73 -14.26
C TYR C 173 -27.88 -15.78 -15.19
N LEU C 174 -28.16 -15.37 -16.43
CA LEU C 174 -28.66 -16.33 -17.46
C LEU C 174 -27.62 -16.43 -18.58
N TYR C 175 -27.45 -17.62 -19.13
CA TYR C 175 -26.41 -17.87 -20.14
C TYR C 175 -27.04 -18.50 -21.37
N TRP C 176 -26.77 -17.96 -22.55
CA TRP C 176 -27.24 -18.53 -23.83
C TRP C 176 -26.05 -19.17 -24.53
N PHE C 177 -26.13 -20.48 -24.77
CA PHE C 177 -25.09 -21.22 -25.51
C PHE C 177 -25.68 -21.71 -26.84
N LEU C 178 -24.79 -22.08 -27.76
CA LEU C 178 -25.20 -22.68 -29.06
C LEU C 178 -24.33 -23.91 -29.29
N GLN C 179 -24.95 -25.01 -29.70
CA GLN C 179 -24.20 -26.24 -30.03
C GLN C 179 -24.50 -26.61 -31.48
N ARG C 180 -23.58 -26.28 -32.37
CA ARG C 180 -23.72 -26.67 -33.79
C ARG C 180 -23.59 -28.19 -33.89
N PRO C 181 -24.25 -28.83 -34.86
CA PRO C 181 -24.23 -30.30 -34.93
C PRO C 181 -22.84 -30.88 -35.17
N GLY C 182 -22.41 -31.76 -34.27
CA GLY C 182 -21.09 -32.40 -34.37
C GLY C 182 -20.02 -31.67 -33.59
N GLN C 183 -20.35 -30.53 -32.97
CA GLN C 183 -19.35 -29.70 -32.30
C GLN C 183 -19.57 -29.67 -30.79
N SER C 184 -18.79 -28.84 -30.09
CA SER C 184 -18.94 -28.58 -28.65
C SER C 184 -19.79 -27.32 -28.49
N PRO C 185 -20.40 -27.05 -27.33
CA PRO C 185 -21.14 -25.80 -27.17
C PRO C 185 -20.25 -24.55 -27.20
N GLN C 186 -20.87 -23.38 -27.30
CA GLN C 186 -20.14 -22.11 -27.42
C GLN C 186 -20.98 -21.02 -26.77
N LEU C 187 -20.38 -20.22 -25.92
CA LEU C 187 -21.12 -19.16 -25.20
C LEU C 187 -21.51 -18.07 -26.18
N LEU C 188 -22.76 -17.63 -26.12
CA LEU C 188 -23.26 -16.51 -26.96
C LEU C 188 -23.57 -15.31 -26.06
N ILE C 189 -24.30 -15.57 -24.97
CA ILE C 189 -24.68 -14.53 -23.96
C ILE C 189 -24.28 -15.05 -22.57
N TYR C 190 -23.66 -14.20 -21.75
CA TYR C 190 -23.18 -14.66 -20.42
C TYR C 190 -23.97 -13.96 -19.31
N ARG C 191 -24.77 -12.94 -19.66
CA ARG C 191 -25.56 -12.22 -18.64
C ARG C 191 -26.82 -11.63 -19.30
N MET C 192 -27.67 -12.50 -19.84
CA MET C 192 -29.01 -12.13 -20.38
C MET C 192 -28.86 -11.23 -21.63
N SER C 193 -28.06 -10.16 -21.52
CA SER C 193 -27.95 -9.16 -22.62
C SER C 193 -26.48 -8.77 -22.83
N ASN C 194 -25.57 -9.74 -22.79
CA ASN C 194 -24.11 -9.46 -22.92
C ASN C 194 -23.49 -10.46 -23.90
N LEU C 195 -23.01 -9.99 -25.06
CA LEU C 195 -22.44 -10.95 -26.04
C LEU C 195 -21.11 -11.50 -25.53
N ALA C 196 -20.56 -12.49 -26.23
CA ALA C 196 -19.35 -13.22 -25.80
C ALA C 196 -18.13 -12.74 -26.56
N SER C 197 -17.03 -13.47 -26.46
CA SER C 197 -15.75 -13.05 -27.08
C SER C 197 -15.73 -13.41 -28.56
N GLY C 198 -15.95 -12.45 -29.44
CA GLY C 198 -15.78 -12.68 -30.88
C GLY C 198 -16.91 -13.46 -31.51
N VAL C 199 -18.10 -13.44 -30.93
CA VAL C 199 -19.26 -14.04 -31.61
C VAL C 199 -19.77 -12.98 -32.58
N PRO C 200 -20.45 -13.33 -33.68
CA PRO C 200 -21.03 -12.30 -34.55
C PRO C 200 -22.07 -11.44 -33.82
N ASP C 201 -22.06 -10.12 -34.05
CA ASP C 201 -22.98 -9.17 -33.36
C ASP C 201 -24.41 -9.35 -33.87
N ARG C 202 -24.67 -10.31 -34.75
CA ARG C 202 -26.03 -10.61 -35.27
C ARG C 202 -26.94 -10.96 -34.09
N PHE C 203 -26.42 -11.65 -33.09
CA PHE C 203 -27.21 -12.15 -31.93
C PHE C 203 -27.47 -11.06 -30.90
N SER C 204 -28.57 -11.15 -30.15
CA SER C 204 -28.91 -10.22 -29.06
C SER C 204 -29.76 -10.97 -28.05
N GLY C 205 -29.62 -10.61 -26.78
CA GLY C 205 -30.40 -11.24 -25.71
C GLY C 205 -31.13 -10.19 -24.91
N SER C 206 -32.34 -10.51 -24.48
CA SER C 206 -33.17 -9.55 -23.72
C SER C 206 -34.16 -10.33 -22.86
N GLY C 207 -34.99 -9.61 -22.13
CA GLY C 207 -35.98 -10.24 -21.23
C GLY C 207 -35.88 -9.68 -19.83
N SER C 208 -36.66 -10.22 -18.89
CA SER C 208 -36.67 -9.60 -17.54
C SER C 208 -37.06 -10.55 -16.41
N GLY C 209 -36.12 -10.88 -15.52
CA GLY C 209 -36.43 -11.69 -14.31
C GLY C 209 -36.70 -13.16 -14.57
N THR C 210 -37.67 -13.50 -15.41
CA THR C 210 -38.04 -14.93 -15.60
C THR C 210 -38.19 -15.24 -17.10
N ALA C 211 -38.69 -14.27 -17.88
CA ALA C 211 -38.90 -14.51 -19.32
C ALA C 211 -37.69 -13.99 -20.09
N PHE C 212 -37.02 -14.85 -20.84
CA PHE C 212 -35.75 -14.47 -21.51
C PHE C 212 -35.79 -14.86 -22.97
N THR C 213 -35.53 -13.90 -23.85
CA THR C 213 -35.61 -14.15 -25.32
C THR C 213 -34.29 -13.80 -26.00
N LEU C 214 -33.85 -14.67 -26.90
CA LEU C 214 -32.63 -14.44 -27.71
C LEU C 214 -33.10 -14.18 -29.14
N THR C 215 -32.79 -13.00 -29.67
CA THR C 215 -33.18 -12.60 -31.04
C THR C 215 -31.97 -12.72 -31.96
N ILE C 216 -32.12 -13.45 -33.05
CA ILE C 216 -31.02 -13.63 -34.05
C ILE C 216 -31.51 -12.99 -35.34
N SER C 217 -31.01 -11.81 -35.66
CA SER C 217 -31.33 -11.13 -36.93
C SER C 217 -30.33 -11.55 -37.99
N ARG C 218 -30.75 -11.55 -39.26
CA ARG C 218 -29.88 -11.91 -40.42
C ARG C 218 -29.33 -13.34 -40.22
N LEU C 219 -30.21 -14.31 -39.94
CA LEU C 219 -29.78 -15.71 -39.74
C LEU C 219 -28.96 -16.17 -40.95
N GLU C 220 -27.83 -16.84 -40.70
CA GLU C 220 -26.99 -17.41 -41.79
C GLU C 220 -27.10 -18.94 -41.78
N ALA C 221 -26.32 -19.63 -42.63
CA ALA C 221 -26.42 -21.10 -42.73
C ALA C 221 -25.79 -21.78 -41.52
N GLU C 222 -24.74 -21.21 -40.91
CA GLU C 222 -24.01 -21.87 -39.80
C GLU C 222 -24.74 -21.74 -38.45
N ASP C 223 -25.68 -20.79 -38.35
CA ASP C 223 -26.36 -20.47 -37.07
C ASP C 223 -27.17 -21.68 -36.60
N VAL C 224 -27.40 -22.64 -37.50
CA VAL C 224 -28.24 -23.83 -37.17
C VAL C 224 -27.57 -24.62 -36.04
N GLY C 225 -28.38 -25.31 -35.24
CA GLY C 225 -27.86 -26.10 -34.10
C GLY C 225 -28.78 -26.01 -32.90
N VAL C 226 -28.45 -26.73 -31.82
CA VAL C 226 -29.30 -26.75 -30.61
C VAL C 226 -28.89 -25.60 -29.70
N TYR C 227 -29.80 -24.69 -29.43
CA TYR C 227 -29.54 -23.55 -28.53
C TYR C 227 -29.83 -23.96 -27.09
N TYR C 228 -29.25 -23.24 -26.14
CA TYR C 228 -29.43 -23.60 -24.72
C TYR C 228 -29.46 -22.37 -23.84
N CYS C 229 -30.27 -22.43 -22.79
CA CYS C 229 -30.30 -21.34 -21.77
C CYS C 229 -30.01 -21.99 -20.42
N MET C 230 -29.17 -21.34 -19.61
CA MET C 230 -28.74 -21.92 -18.31
C MET C 230 -28.60 -20.80 -17.27
N GLN C 231 -29.13 -21.03 -16.06
CA GLN C 231 -28.96 -20.04 -14.95
C GLN C 231 -27.67 -20.37 -14.20
N HIS C 232 -27.01 -19.33 -13.68
CA HIS C 232 -25.81 -19.49 -12.81
C HIS C 232 -26.23 -19.18 -11.37
N LEU C 233 -27.36 -18.47 -11.23
CA LEU C 233 -27.84 -17.97 -9.92
C LEU C 233 -27.62 -19.03 -8.85
N GLU C 234 -28.11 -20.24 -9.06
CA GLU C 234 -28.03 -21.32 -8.04
C GLU C 234 -27.15 -22.47 -8.56
N TYR C 235 -26.22 -22.93 -7.73
CA TYR C 235 -25.65 -24.30 -7.85
C TYR C 235 -26.55 -25.28 -7.09
N PRO C 236 -27.22 -26.24 -7.76
CA PRO C 236 -26.71 -26.83 -9.01
C PRO C 236 -27.13 -26.03 -10.25
N LEU C 237 -26.18 -25.76 -11.13
CA LEU C 237 -26.47 -25.06 -12.42
C LEU C 237 -27.43 -25.95 -13.24
N THR C 238 -28.57 -25.39 -13.65
CA THR C 238 -29.60 -26.16 -14.38
C THR C 238 -29.73 -25.63 -15.80
N PHE C 239 -29.65 -26.51 -16.78
CA PHE C 239 -29.75 -26.12 -18.20
C PHE C 239 -31.19 -26.20 -18.68
N GLY C 240 -31.45 -25.60 -19.83
CA GLY C 240 -32.78 -25.69 -20.44
C GLY C 240 -32.95 -27.00 -21.18
N ALA C 241 -34.08 -27.19 -21.83
CA ALA C 241 -34.35 -28.44 -22.56
C ALA C 241 -33.56 -28.46 -23.87
N GLY C 242 -33.51 -27.33 -24.56
CA GLY C 242 -32.71 -27.23 -25.79
C GLY C 242 -33.56 -27.03 -27.03
N THR C 243 -33.62 -25.80 -27.52
CA THR C 243 -34.33 -25.51 -28.78
C THR C 243 -33.38 -25.76 -29.94
N LYS C 244 -33.81 -26.55 -30.92
CA LYS C 244 -32.97 -26.84 -32.10
C LYS C 244 -33.51 -26.05 -33.28
N LEU C 245 -32.68 -25.20 -33.88
CA LEU C 245 -33.07 -24.49 -35.11
C LEU C 245 -32.88 -25.47 -36.27
N GLU C 246 -33.87 -25.53 -37.17
CA GLU C 246 -33.86 -26.50 -38.28
C GLU C 246 -33.79 -25.78 -39.62
N LEU C 247 -33.12 -26.39 -40.58
CA LEU C 247 -33.04 -25.83 -41.96
C LEU C 247 -32.85 -26.99 -42.95
N SER D 34 -4.08 -0.75 62.34
CA SER D 34 -2.83 -0.13 62.85
C SER D 34 -2.28 0.86 61.83
N TRP D 35 -1.33 1.68 62.24
CA TRP D 35 -0.71 2.61 61.27
C TRP D 35 0.00 1.83 60.17
N THR D 36 0.70 0.76 60.51
CA THR D 36 1.48 0.01 59.48
C THR D 36 0.54 -0.50 58.39
N SER D 37 -0.59 -1.05 58.81
CA SER D 37 -1.54 -1.61 57.83
C SER D 37 -2.08 -0.48 56.96
N VAL D 38 -2.44 0.64 57.58
CA VAL D 38 -3.02 1.76 56.78
C VAL D 38 -1.96 2.25 55.80
N THR D 39 -0.73 2.36 56.28
CA THR D 39 0.34 2.87 55.40
C THR D 39 0.54 1.89 54.24
N TYR D 40 0.56 0.60 54.56
CA TYR D 40 0.82 -0.40 53.51
C TYR D 40 -0.29 -0.37 52.46
N ILE D 41 -1.53 -0.30 52.93
CA ILE D 41 -2.67 -0.23 51.99
C ILE D 41 -2.59 1.03 51.13
N THR D 42 -2.31 2.17 51.76
CA THR D 42 -2.33 3.43 51.00
C THR D 42 -1.21 3.42 49.95
N VAL D 43 -0.03 3.01 50.34
CA VAL D 43 1.11 3.01 49.39
C VAL D 43 0.82 2.03 48.25
N GLU D 44 0.28 0.87 48.58
CA GLU D 44 0.00 -0.15 47.55
C GLU D 44 -1.00 0.40 46.55
N ILE D 45 -2.04 1.05 47.04
CA ILE D 45 -3.10 1.51 46.11
C ILE D 45 -2.53 2.64 45.23
N LEU D 46 -1.75 3.52 45.83
CA LEU D 46 -1.22 4.65 45.02
C LEU D 46 -0.27 4.10 43.95
N ILE D 47 0.56 3.14 44.33
CA ILE D 47 1.54 2.59 43.36
C ILE D 47 0.80 1.88 42.21
N GLY D 48 -0.25 1.15 42.54
CA GLY D 48 -1.00 0.45 41.49
C GLY D 48 -1.68 1.43 40.57
N LEU D 49 -2.23 2.51 41.13
CA LEU D 49 -2.91 3.50 40.29
C LEU D 49 -1.88 4.10 39.34
N CYS D 50 -0.68 4.34 39.84
CA CYS D 50 0.36 4.94 38.98
C CYS D 50 0.72 3.96 37.86
N ALA D 51 0.90 2.70 38.19
CA ALA D 51 1.25 1.69 37.18
C ALA D 51 0.16 1.64 36.10
N ILE D 52 -1.09 1.64 36.51
CA ILE D 52 -2.20 1.50 35.53
C ILE D 52 -2.18 2.73 34.64
N VAL D 53 -2.04 3.90 35.23
CA VAL D 53 -2.11 5.13 34.40
C VAL D 53 -0.94 5.12 33.42
N GLY D 54 0.22 4.71 33.89
CA GLY D 54 1.40 4.77 33.02
C GLY D 54 1.29 3.79 31.86
N ASN D 55 0.90 2.56 32.17
CA ASN D 55 0.82 1.56 31.09
C ASN D 55 -0.31 1.92 30.12
N VAL D 56 -1.38 2.51 30.63
CA VAL D 56 -2.48 2.92 29.73
C VAL D 56 -1.97 4.00 28.78
N LEU D 57 -1.18 4.92 29.31
CA LEU D 57 -0.64 5.99 28.45
C LEU D 57 0.35 5.38 27.45
N VAL D 58 1.15 4.39 27.84
CA VAL D 58 2.06 3.74 26.87
C VAL D 58 1.24 3.12 25.73
N ILE D 59 0.15 2.46 26.08
CA ILE D 59 -0.64 1.77 25.03
C ILE D 59 -1.29 2.82 24.15
N TRP D 60 -1.84 3.89 24.73
CA TRP D 60 -2.41 4.98 23.93
C TRP D 60 -1.36 5.51 22.96
N VAL D 61 -0.14 5.70 23.43
CA VAL D 61 0.90 6.30 22.56
C VAL D 61 1.21 5.31 21.44
N VAL D 62 1.40 4.03 21.76
CA VAL D 62 1.80 3.05 20.71
C VAL D 62 0.69 2.94 19.65
N LYS D 63 -0.55 2.88 20.08
CA LYS D 63 -1.66 2.71 19.11
C LYS D 63 -1.90 4.01 18.32
N LEU D 64 -1.75 5.19 18.92
CA LEU D 64 -2.03 6.43 18.16
C LEU D 64 -1.10 6.53 16.95
N ASN D 65 0.17 6.13 17.08
CA ASN D 65 1.12 6.31 15.96
C ASN D 65 1.34 4.97 15.27
N PRO D 66 0.86 4.77 14.03
CA PRO D 66 1.10 3.51 13.35
C PRO D 66 2.58 3.18 13.13
N SER D 67 3.45 4.18 13.21
CA SER D 67 4.89 3.92 12.98
C SER D 67 5.46 3.14 14.15
N LEU D 68 4.73 3.14 15.28
CA LEU D 68 5.25 2.47 16.48
C LEU D 68 4.64 1.06 16.61
N GLN D 69 4.49 0.35 15.47
CA GLN D 69 3.79 -0.95 15.54
C GLN D 69 4.67 -2.08 15.04
N THR D 70 5.91 -2.12 15.50
CA THR D 70 6.86 -3.14 15.00
C THR D 70 7.29 -4.08 16.12
N THR D 71 8.28 -4.92 15.85
CA THR D 71 8.64 -5.99 16.82
C THR D 71 8.94 -5.44 18.22
N THR D 72 9.81 -4.45 18.27
CA THR D 72 10.17 -3.86 19.58
C THR D 72 8.88 -3.36 20.26
N PHE D 73 7.98 -2.74 19.52
CA PHE D 73 6.79 -2.19 20.20
C PHE D 73 5.84 -3.32 20.55
N TYR D 74 5.92 -4.45 19.85
CA TYR D 74 5.11 -5.61 20.26
C TYR D 74 5.55 -6.06 21.66
N PHE D 75 6.85 -6.21 21.86
CA PHE D 75 7.35 -6.62 23.18
C PHE D 75 6.96 -5.57 24.22
N ILE D 76 7.08 -4.31 23.89
CA ILE D 76 6.83 -3.23 24.87
C ILE D 76 5.37 -3.28 25.28
N VAL D 77 4.49 -3.52 24.33
CA VAL D 77 3.05 -3.47 24.69
C VAL D 77 2.72 -4.75 25.47
N SER D 78 3.44 -5.85 25.21
CA SER D 78 3.21 -7.06 26.04
C SER D 78 3.56 -6.78 27.49
N LEU D 79 4.70 -6.14 27.71
CA LEU D 79 5.08 -5.75 29.07
C LEU D 79 4.04 -4.78 29.63
N ALA D 80 3.50 -3.91 28.80
CA ALA D 80 2.52 -2.92 29.29
C ALA D 80 1.28 -3.63 29.79
N LEU D 81 0.82 -4.64 29.05
CA LEU D 81 -0.37 -5.38 29.52
C LEU D 81 -0.04 -6.16 30.81
N ALA D 82 1.15 -6.74 30.88
CA ALA D 82 1.55 -7.49 32.09
C ALA D 82 1.51 -6.54 33.28
N ASP D 83 2.00 -5.33 33.08
CA ASP D 83 1.99 -4.34 34.16
C ASP D 83 0.59 -3.86 34.43
N ILE D 84 -0.25 -3.73 33.40
CA ILE D 84 -1.65 -3.34 33.73
C ILE D 84 -2.28 -4.46 34.57
N ALA D 85 -1.98 -5.72 34.27
CA ALA D 85 -2.50 -6.83 35.12
C ALA D 85 -1.92 -6.81 36.53
N VAL D 86 -0.64 -6.54 36.66
CA VAL D 86 0.01 -6.48 38.00
C VAL D 86 -0.48 -5.27 38.78
N GLY D 87 -1.12 -4.34 38.12
CA GLY D 87 -1.53 -3.09 38.80
C GLY D 87 -3.02 -3.09 39.02
N VAL D 88 -3.77 -3.82 38.20
CA VAL D 88 -5.24 -3.74 38.32
C VAL D 88 -5.75 -4.83 39.26
N LEU D 89 -5.24 -6.06 39.12
CA LEU D 89 -5.76 -7.17 39.95
C LEU D 89 -4.85 -7.42 41.15
N VAL D 90 -3.54 -7.48 40.94
CA VAL D 90 -2.56 -7.83 42.01
C VAL D 90 -2.49 -6.71 43.06
N MET D 91 -2.91 -5.47 42.73
CA MET D 91 -2.95 -4.37 43.73
C MET D 91 -4.14 -4.59 44.67
N PRO D 92 -5.41 -4.70 44.21
CA PRO D 92 -6.55 -5.00 45.09
C PRO D 92 -6.54 -6.45 45.59
N LEU D 93 -5.88 -7.36 44.86
CA LEU D 93 -5.70 -8.78 45.29
C LEU D 93 -4.87 -8.75 46.57
N ALA D 94 -3.81 -7.94 46.62
CA ALA D 94 -2.88 -7.86 47.76
C ALA D 94 -3.56 -7.19 48.97
N ILE D 95 -4.34 -6.14 48.75
CA ILE D 95 -5.09 -5.49 49.85
C ILE D 95 -6.03 -6.51 50.51
N VAL D 96 -6.74 -7.29 49.68
CA VAL D 96 -7.68 -8.32 50.17
C VAL D 96 -6.90 -9.35 51.00
N ILE D 97 -5.75 -9.83 50.51
CA ILE D 97 -4.96 -10.86 51.23
C ILE D 97 -4.55 -10.35 52.61
N SER D 98 -4.22 -9.09 52.70
CA SER D 98 -3.77 -8.53 54.00
C SER D 98 -4.93 -8.49 54.99
N LEU D 99 -6.12 -8.12 54.51
CA LEU D 99 -7.28 -7.97 55.44
C LEU D 99 -7.64 -9.32 56.05
N GLY D 100 -7.47 -10.41 55.29
CA GLY D 100 -7.70 -11.75 55.86
C GLY D 100 -9.15 -12.06 56.17
N VAL D 101 -10.04 -11.67 55.25
CA VAL D 101 -11.49 -11.92 55.45
C VAL D 101 -11.67 -13.44 55.50
N THR D 102 -12.77 -13.93 56.07
CA THR D 102 -12.89 -15.40 56.19
C THR D 102 -13.42 -15.90 54.86
N ILE D 103 -12.55 -15.91 53.84
CA ILE D 103 -12.96 -16.40 52.49
C ILE D 103 -12.46 -17.83 52.35
N HIS D 104 -13.11 -18.62 51.51
CA HIS D 104 -12.75 -20.07 51.42
C HIS D 104 -11.24 -20.33 51.25
N PHE D 105 -10.72 -21.35 51.93
CA PHE D 105 -9.30 -21.77 51.82
C PHE D 105 -8.87 -21.74 50.35
N TYR D 106 -9.71 -22.26 49.46
CA TYR D 106 -9.29 -22.38 48.04
C TYR D 106 -9.47 -21.03 47.32
N SER D 107 -10.56 -20.32 47.63
CA SER D 107 -10.78 -18.97 47.04
C SER D 107 -9.52 -18.11 47.27
N CYS D 108 -8.88 -18.31 48.42
CA CYS D 108 -7.64 -17.59 48.78
C CYS D 108 -6.51 -18.10 47.88
N LEU D 109 -6.44 -19.41 47.68
CA LEU D 109 -5.34 -19.95 46.86
C LEU D 109 -5.51 -19.42 45.43
N PHE D 110 -6.73 -19.23 44.99
CA PHE D 110 -6.96 -18.63 43.66
C PHE D 110 -6.40 -17.21 43.61
N MET D 111 -6.70 -16.40 44.64
CA MET D 111 -6.24 -14.99 44.70
C MET D 111 -4.72 -14.97 44.63
N THR D 112 -4.05 -15.84 45.39
CA THR D 112 -2.58 -15.89 45.41
C THR D 112 -2.04 -16.32 44.05
N CYS D 113 -2.71 -17.26 43.42
CA CYS D 113 -2.17 -17.75 42.13
C CYS D 113 -2.31 -16.68 41.04
N LEU D 114 -3.36 -15.90 41.13
CA LEU D 114 -3.52 -14.82 40.14
C LEU D 114 -2.35 -13.84 40.31
N MET D 115 -1.99 -13.56 41.55
CA MET D 115 -0.93 -12.59 41.79
C MET D 115 0.35 -13.16 41.19
N LEU D 116 0.60 -14.43 41.44
CA LEU D 116 1.85 -15.03 40.95
C LEU D 116 1.88 -15.05 39.42
N ILE D 117 0.74 -15.31 38.78
CA ILE D 117 0.78 -15.41 37.29
C ILE D 117 1.09 -14.04 36.67
N PHE D 118 0.42 -13.02 37.14
CA PHE D 118 0.63 -11.69 36.54
C PHE D 118 2.06 -11.20 36.82
N THR D 119 2.57 -11.41 38.02
CA THR D 119 3.92 -10.89 38.32
C THR D 119 4.96 -11.62 37.49
N HIS D 120 4.81 -12.92 37.41
CA HIS D 120 5.76 -13.67 36.60
C HIS D 120 5.63 -13.27 35.12
N ALA D 121 4.46 -12.85 34.70
CA ALA D 121 4.28 -12.40 33.30
C ALA D 121 5.05 -11.10 33.03
N SER D 122 4.98 -10.15 33.95
CA SER D 122 5.76 -8.89 33.82
C SER D 122 7.24 -9.25 33.75
N ILE D 123 7.70 -10.12 34.62
CA ILE D 123 9.13 -10.47 34.63
C ILE D 123 9.50 -11.12 33.30
N MET D 124 8.60 -11.93 32.75
CA MET D 124 8.96 -12.62 31.50
C MET D 124 8.95 -11.61 30.34
N SER D 125 8.06 -10.61 30.35
CA SER D 125 8.05 -9.56 29.31
C SER D 125 9.38 -8.81 29.36
N LEU D 126 9.86 -8.51 30.54
CA LEU D 126 11.19 -7.88 30.65
C LEU D 126 12.26 -8.82 30.09
N LEU D 127 12.22 -10.12 30.39
CA LEU D 127 13.25 -11.00 29.80
C LEU D 127 13.05 -11.06 28.27
N ALA D 128 11.83 -10.94 27.79
CA ALA D 128 11.63 -10.93 26.30
C ALA D 128 12.24 -9.68 25.65
N ILE D 129 12.00 -8.52 26.27
CA ILE D 129 12.57 -7.29 25.72
C ILE D 129 14.07 -7.44 25.69
N ALA D 130 14.63 -8.00 26.73
CA ALA D 130 16.08 -8.20 26.79
C ALA D 130 16.53 -9.08 25.66
N VAL D 131 15.79 -10.14 25.40
CA VAL D 131 16.27 -11.09 24.37
C VAL D 131 16.13 -10.44 23.00
N ASP D 132 15.07 -9.65 22.79
CA ASP D 132 14.88 -8.98 21.49
C ASP D 132 16.03 -8.04 21.23
N ARG D 133 16.39 -7.26 22.24
CA ARG D 133 17.53 -6.35 22.09
C ARG D 133 18.78 -7.17 21.82
N TYR D 134 18.96 -8.30 22.49
CA TYR D 134 20.20 -9.05 22.25
C TYR D 134 20.23 -9.55 20.82
N LEU D 135 19.09 -9.99 20.35
CA LEU D 135 19.02 -10.52 18.96
C LEU D 135 19.32 -9.39 17.96
N ARG D 136 18.72 -8.21 18.13
CA ARG D 136 18.92 -7.08 17.20
C ARG D 136 20.42 -6.73 17.20
N VAL D 137 21.04 -6.62 18.38
CA VAL D 137 22.48 -6.28 18.53
C VAL D 137 23.36 -7.42 18.00
N LYS D 138 22.95 -8.68 18.14
CA LYS D 138 23.80 -9.86 17.78
C LYS D 138 23.53 -10.40 16.37
N LEU D 139 22.26 -10.37 15.91
CA LEU D 139 21.90 -10.90 14.58
C LEU D 139 22.16 -9.82 13.52
N THR D 140 22.27 -8.56 13.92
CA THR D 140 22.62 -7.48 12.94
C THR D 140 21.58 -7.48 11.82
N VAL D 141 22.03 -7.48 10.57
CA VAL D 141 21.10 -7.46 9.41
C VAL D 141 20.27 -8.74 9.38
N ARG D 142 20.87 -9.91 9.68
CA ARG D 142 20.14 -11.20 9.57
C ARG D 142 18.90 -11.12 10.47
N TYR D 143 18.86 -10.13 11.37
CA TYR D 143 17.71 -9.96 12.30
C TYR D 143 16.40 -10.12 11.51
N ARG D 144 16.11 -9.22 10.56
CA ARG D 144 14.73 -9.23 10.00
C ARG D 144 14.43 -10.51 9.22
N ARG D 145 15.46 -11.23 8.83
CA ARG D 145 15.27 -12.51 8.11
C ARG D 145 14.96 -13.67 9.07
N VAL D 146 15.08 -13.45 10.38
CA VAL D 146 14.85 -14.54 11.35
C VAL D 146 13.65 -14.16 12.19
N THR D 147 13.38 -12.88 12.32
CA THR D 147 12.30 -12.42 13.20
C THR D 147 11.11 -11.97 12.37
N THR D 148 10.10 -12.83 12.23
CA THR D 148 8.84 -12.46 11.52
C THR D 148 7.73 -12.23 12.53
N GLN D 149 6.61 -11.68 12.08
CA GLN D 149 5.51 -11.36 13.03
C GLN D 149 5.04 -12.65 13.71
N ARG D 150 4.92 -13.73 12.97
CA ARG D 150 4.40 -14.97 13.57
C ARG D 150 5.31 -15.40 14.71
N ARG D 151 6.62 -15.33 14.51
CA ARG D 151 7.51 -15.84 15.58
C ARG D 151 7.43 -14.90 16.77
N ILE D 152 7.13 -13.65 16.52
CA ILE D 152 6.99 -12.68 17.63
C ILE D 152 5.76 -13.03 18.46
N TRP D 153 4.60 -13.24 17.81
CA TRP D 153 3.43 -13.59 18.63
C TRP D 153 3.64 -14.96 19.30
N LEU D 154 4.43 -15.81 18.69
CA LEU D 154 4.66 -17.16 19.25
C LEU D 154 5.58 -17.09 20.48
N ALA D 155 6.47 -16.11 20.51
CA ALA D 155 7.38 -16.00 21.67
C ALA D 155 6.66 -15.27 22.80
N LEU D 156 5.89 -14.24 22.46
CA LEU D 156 5.13 -13.54 23.51
C LEU D 156 4.14 -14.50 24.15
N GLY D 157 3.47 -15.30 23.33
CA GLY D 157 2.52 -16.25 23.89
C GLY D 157 3.24 -17.29 24.72
N LEU D 158 4.41 -17.75 24.28
CA LEU D 158 5.09 -18.81 25.04
C LEU D 158 5.44 -18.23 26.40
N CYS D 159 5.72 -16.94 26.41
CA CYS D 159 6.16 -16.32 27.69
C CYS D 159 4.95 -16.23 28.61
N TRP D 160 3.85 -15.71 28.09
CA TRP D 160 2.65 -15.67 28.92
C TRP D 160 2.21 -17.08 29.33
N LEU D 161 2.43 -18.08 28.49
CA LEU D 161 1.94 -19.43 28.89
C LEU D 161 2.82 -19.93 30.04
N VAL D 162 4.13 -19.68 29.96
CA VAL D 162 5.00 -20.21 31.03
C VAL D 162 4.62 -19.49 32.34
N SER D 163 4.26 -18.23 32.22
CA SER D 163 3.83 -17.48 33.41
C SER D 163 2.58 -18.10 34.03
N PHE D 164 1.59 -18.39 33.20
CA PHE D 164 0.36 -19.01 33.70
C PHE D 164 0.69 -20.34 34.39
N LEU D 165 1.55 -21.15 33.78
CA LEU D 165 1.87 -22.48 34.35
C LEU D 165 2.50 -22.31 35.72
N VAL D 166 3.46 -21.41 35.81
CA VAL D 166 4.22 -21.26 37.09
C VAL D 166 3.31 -20.72 38.17
N GLY D 167 2.46 -19.77 37.83
CA GLY D 167 1.60 -19.17 38.83
C GLY D 167 0.46 -20.08 39.29
N LEU D 168 0.01 -20.96 38.42
CA LEU D 168 -1.16 -21.80 38.76
C LEU D 168 -0.73 -23.17 39.26
N THR D 169 0.56 -23.47 39.24
CA THR D 169 1.05 -24.76 39.74
C THR D 169 0.53 -25.04 41.15
N PRO D 170 0.46 -24.06 42.08
CA PRO D 170 0.07 -24.38 43.45
C PRO D 170 -1.30 -25.06 43.61
N MET D 171 -2.28 -24.70 42.77
CA MET D 171 -3.60 -25.34 42.86
C MET D 171 -3.56 -26.84 42.58
N PHE D 172 -2.45 -27.33 42.03
CA PHE D 172 -2.34 -28.73 41.57
C PHE D 172 -1.56 -29.56 42.62
N GLY D 173 -1.49 -29.06 43.86
CA GLY D 173 -0.96 -29.86 44.97
C GLY D 173 0.04 -29.08 45.81
N TRP D 174 0.65 -28.04 45.23
CA TRP D 174 1.67 -27.25 45.98
C TRP D 174 0.97 -26.24 46.89
N ASN D 175 0.11 -26.75 47.80
CA ASN D 175 -0.61 -25.86 48.76
C ASN D 175 -0.37 -26.37 50.19
N MET D 176 -0.42 -25.46 51.15
CA MET D 176 -0.41 -25.78 52.59
C MET D 176 -1.30 -27.00 52.85
N LYS D 177 -2.37 -27.14 52.09
CA LYS D 177 -3.28 -28.29 52.33
C LYS D 177 -2.50 -29.61 52.19
N LEU D 178 -1.43 -29.64 51.41
CA LEU D 178 -0.69 -30.91 51.22
C LEU D 178 -0.03 -31.32 52.53
N SER D 179 0.18 -30.35 53.43
CA SER D 179 0.85 -30.67 54.72
C SER D 179 -0.14 -30.62 55.89
N SER D 180 -1.29 -29.98 55.70
CA SER D 180 -2.25 -29.84 56.82
C SER D 180 -2.82 -31.20 57.19
N ALA D 181 -2.84 -31.50 58.49
CA ALA D 181 -3.56 -32.72 58.94
C ALA D 181 -5.07 -32.39 58.94
N ASP D 182 -5.36 -31.11 58.72
CA ASP D 182 -6.75 -30.64 58.65
C ASP D 182 -7.19 -30.63 57.20
N GLU D 183 -7.49 -31.81 56.68
CA GLU D 183 -8.09 -31.89 55.33
C GLU D 183 -9.54 -31.39 55.45
N ASN D 184 -10.00 -31.16 56.67
CA ASN D 184 -11.38 -30.67 56.89
C ASN D 184 -11.40 -29.15 57.08
N LEU D 185 -10.28 -28.45 56.92
CA LEU D 185 -10.35 -26.96 57.03
C LEU D 185 -10.87 -26.42 55.70
N THR D 186 -12.10 -25.91 55.71
CA THR D 186 -12.71 -25.48 54.43
C THR D 186 -12.81 -23.98 54.40
N PHE D 187 -13.27 -23.39 55.49
CA PHE D 187 -13.37 -21.94 55.58
C PHE D 187 -12.29 -21.44 56.52
N LEU D 188 -11.60 -20.37 56.12
CA LEU D 188 -10.56 -19.75 56.98
C LEU D 188 -10.40 -18.29 56.56
N PRO D 189 -9.78 -17.45 57.41
CA PRO D 189 -9.42 -16.09 56.98
C PRO D 189 -8.23 -16.18 56.00
N CYS D 190 -8.29 -15.40 54.92
CA CYS D 190 -7.31 -15.59 53.83
C CYS D 190 -5.96 -14.94 54.12
N ARG D 191 -4.93 -15.73 54.37
CA ARG D 191 -3.54 -15.22 54.52
C ARG D 191 -2.71 -15.87 53.42
N PHE D 192 -1.76 -15.15 52.82
CA PHE D 192 -0.85 -15.72 51.80
C PHE D 192 -0.20 -16.94 52.43
N ARG D 193 0.07 -16.90 53.73
CA ARG D 193 0.68 -18.03 54.48
C ARG D 193 -0.30 -19.21 54.54
N SER D 194 -1.59 -18.96 54.73
CA SER D 194 -2.62 -20.01 54.89
C SER D 194 -2.69 -20.97 53.69
N VAL D 195 -2.44 -20.50 52.45
CA VAL D 195 -2.63 -21.34 51.24
C VAL D 195 -1.33 -21.59 50.47
N MET D 196 -0.25 -20.87 50.75
CA MET D 196 0.96 -21.06 49.92
C MET D 196 2.07 -21.75 50.72
N ARG D 197 2.74 -22.74 50.11
CA ARG D 197 3.88 -23.40 50.78
C ARG D 197 5.11 -22.50 50.59
N MET D 198 5.86 -22.26 51.66
CA MET D 198 7.03 -21.35 51.59
C MET D 198 8.11 -21.91 50.67
N ASP D 199 8.35 -23.22 50.69
CA ASP D 199 9.48 -23.77 49.89
C ASP D 199 9.31 -23.39 48.42
N TYR D 200 8.06 -23.38 47.93
CA TYR D 200 7.79 -22.98 46.53
C TYR D 200 8.16 -21.50 46.31
N MET D 201 7.68 -20.60 47.18
CA MET D 201 7.92 -19.15 46.97
C MET D 201 9.42 -18.90 47.04
N VAL D 202 10.17 -19.90 47.53
CA VAL D 202 11.63 -19.77 47.67
C VAL D 202 12.31 -20.63 46.64
N TYR D 203 12.18 -21.96 46.68
CA TYR D 203 12.97 -22.76 45.72
C TYR D 203 12.39 -22.67 44.30
N PHE D 204 11.08 -22.42 44.16
CA PHE D 204 10.52 -22.46 42.79
C PHE D 204 10.31 -21.07 42.23
N SER D 205 9.51 -20.23 42.87
CA SER D 205 9.19 -18.89 42.31
C SER D 205 10.46 -18.05 42.21
N PHE D 206 11.07 -17.78 43.33
CA PHE D 206 12.24 -16.88 43.34
C PHE D 206 13.46 -17.49 42.67
N PHE D 207 13.89 -18.68 43.07
CA PHE D 207 15.18 -19.19 42.56
C PHE D 207 15.08 -19.58 41.10
N LEU D 208 13.87 -19.72 40.57
CA LEU D 208 13.77 -20.21 39.16
C LEU D 208 13.15 -19.19 38.22
N TRP D 209 12.27 -18.33 38.72
CA TRP D 209 11.52 -17.43 37.79
C TRP D 209 11.71 -15.97 38.15
N ILE D 210 12.56 -15.68 39.12
CA ILE D 210 12.89 -14.28 39.45
C ILE D 210 14.40 -14.20 39.38
N LEU D 211 15.12 -15.17 39.90
CA LEU D 211 16.59 -15.03 39.88
C LEU D 211 17.12 -15.36 38.49
N VAL D 212 16.57 -16.37 37.87
CA VAL D 212 17.13 -16.79 36.56
C VAL D 212 16.89 -15.68 35.54
N PRO D 213 15.69 -15.07 35.46
CA PRO D 213 15.51 -13.93 34.56
C PRO D 213 16.53 -12.83 34.81
N LEU D 214 16.82 -12.57 36.07
CA LEU D 214 17.75 -11.48 36.39
C LEU D 214 19.14 -11.90 35.94
N VAL D 215 19.55 -13.15 36.12
CA VAL D 215 20.94 -13.50 35.72
C VAL D 215 21.07 -13.43 34.19
N VAL D 216 20.05 -13.94 33.50
CA VAL D 216 20.14 -13.94 32.01
C VAL D 216 20.05 -12.50 31.48
N MET D 217 19.19 -11.67 32.06
CA MET D 217 19.14 -10.27 31.59
C MET D 217 20.47 -9.58 31.87
N CYS D 218 21.09 -9.92 32.97
CA CYS D 218 22.39 -9.31 33.31
C CYS D 218 23.40 -9.68 32.24
N ALA D 219 23.55 -10.96 31.92
CA ALA D 219 24.56 -11.35 30.93
C ALA D 219 24.23 -10.72 29.56
N ILE D 220 22.95 -10.68 29.19
CA ILE D 220 22.52 -10.10 27.90
C ILE D 220 22.93 -8.64 27.83
N TYR D 221 22.60 -7.88 28.86
CA TYR D 221 22.89 -6.45 28.76
C TYR D 221 24.38 -6.21 28.88
N PHE D 222 25.10 -7.06 29.60
CA PHE D 222 26.57 -6.85 29.65
C PHE D 222 27.13 -7.01 28.25
N ASP D 223 26.67 -8.06 27.56
CA ASP D 223 27.23 -8.31 26.22
C ASP D 223 26.77 -7.20 25.25
N ILE D 224 25.52 -6.75 25.37
CA ILE D 224 24.92 -5.71 24.49
C ILE D 224 25.70 -4.41 24.69
N PHE D 225 26.10 -4.09 25.92
CA PHE D 225 26.90 -2.86 26.20
C PHE D 225 28.32 -3.03 25.67
N TYR D 226 28.91 -4.23 25.76
CA TYR D 226 30.29 -4.51 25.29
C TYR D 226 30.33 -4.42 23.75
N ILE D 227 29.32 -4.94 23.06
CA ILE D 227 29.21 -4.91 21.57
C ILE D 227 28.98 -3.48 21.08
N ILE D 228 28.00 -2.77 21.64
CA ILE D 228 27.65 -1.38 21.19
C ILE D 228 28.84 -0.46 21.43
N ARG D 229 29.62 -0.71 22.49
CA ARG D 229 30.81 0.13 22.84
C ARG D 229 31.94 -0.18 21.85
N ASN D 230 32.21 -1.46 21.60
CA ASN D 230 33.32 -1.87 20.71
C ASN D 230 33.07 -1.33 19.29
N ARG D 231 31.82 -1.27 18.87
CA ARG D 231 31.49 -0.75 17.51
C ARG D 231 31.68 0.77 17.47
N LEU D 232 31.15 1.47 18.46
CA LEU D 232 31.29 2.95 18.47
C LEU D 232 32.73 3.28 18.83
N GLU D 249 28.04 6.95 24.01
CA GLU D 249 27.93 5.49 24.23
C GLU D 249 27.66 5.23 25.71
N PHE D 250 27.79 6.29 26.51
CA PHE D 250 27.44 6.14 27.93
C PHE D 250 25.93 6.18 28.04
N LYS D 251 25.25 6.69 27.01
CA LYS D 251 23.77 6.70 26.98
C LYS D 251 23.30 5.25 26.91
N THR D 252 24.00 4.40 26.16
CA THR D 252 23.69 2.94 26.08
C THR D 252 24.01 2.32 27.44
N ALA D 253 25.14 2.67 28.04
CA ALA D 253 25.57 2.16 29.36
C ALA D 253 24.56 2.58 30.43
N LYS D 254 24.03 3.80 30.35
CA LYS D 254 23.11 4.37 31.38
C LYS D 254 21.75 3.68 31.34
N SER D 255 21.24 3.34 30.16
CA SER D 255 19.88 2.76 30.02
C SER D 255 19.88 1.33 30.55
N LEU D 256 20.88 0.57 30.14
CA LEU D 256 20.90 -0.85 30.55
C LEU D 256 21.01 -0.97 32.07
N LEU D 257 21.81 -0.12 32.67
CA LEU D 257 22.04 -0.26 34.12
C LEU D 257 20.80 0.21 34.85
N LEU D 258 20.15 1.23 34.33
CA LEU D 258 18.90 1.67 34.97
C LEU D 258 17.90 0.52 34.99
N VAL D 259 17.79 -0.17 33.87
CA VAL D 259 16.79 -1.27 33.76
C VAL D 259 17.16 -2.39 34.73
N LEU D 260 18.40 -2.88 34.70
CA LEU D 260 18.87 -3.97 35.60
C LEU D 260 18.88 -3.46 37.04
N PHE D 261 19.09 -2.16 37.26
CA PHE D 261 19.09 -1.54 38.61
C PHE D 261 17.68 -1.55 39.20
N LEU D 262 16.66 -1.29 38.38
CA LEU D 262 15.26 -1.18 38.87
C LEU D 262 14.62 -2.56 38.99
N PHE D 263 14.96 -3.52 38.13
CA PHE D 263 14.40 -4.88 38.29
C PHE D 263 14.97 -5.52 39.54
N ALA D 264 16.29 -5.46 39.70
CA ALA D 264 16.90 -6.17 40.85
C ALA D 264 16.44 -5.49 42.14
N LEU D 265 16.43 -4.17 42.15
CA LEU D 265 16.11 -3.47 43.41
C LEU D 265 14.69 -3.78 43.78
N CYS D 266 13.84 -4.04 42.78
CA CYS D 266 12.42 -4.19 43.16
C CYS D 266 12.00 -5.65 43.36
N TRP D 267 12.86 -6.57 43.02
CA TRP D 267 12.48 -7.99 43.11
C TRP D 267 13.40 -8.73 44.05
N LEU D 268 14.48 -8.10 44.53
CA LEU D 268 15.37 -8.78 45.52
C LEU D 268 14.87 -8.63 46.98
N PRO D 269 14.54 -7.43 47.50
CA PRO D 269 14.21 -7.27 48.93
C PRO D 269 12.99 -8.02 49.49
N LEU D 270 11.87 -8.07 48.76
CA LEU D 270 10.71 -8.87 49.24
C LEU D 270 11.11 -10.35 49.14
N SER D 271 11.83 -10.68 48.08
CA SER D 271 12.27 -12.07 47.85
C SER D 271 13.14 -12.45 49.01
N ILE D 272 13.98 -11.60 49.54
CA ILE D 272 14.88 -12.11 50.60
C ILE D 272 14.11 -12.14 51.93
N ILE D 273 13.07 -11.32 52.08
CA ILE D 273 12.22 -11.44 53.28
C ILE D 273 11.80 -12.89 53.21
N ASN D 274 11.30 -13.29 52.04
CA ASN D 274 10.80 -14.65 51.94
C ASN D 274 11.96 -15.59 52.26
N CYS D 275 13.11 -15.53 51.60
CA CYS D 275 14.23 -16.49 51.77
C CYS D 275 14.59 -16.66 53.25
N ILE D 276 14.60 -15.56 54.01
CA ILE D 276 14.99 -15.58 55.45
C ILE D 276 13.90 -16.30 56.24
N LEU D 277 12.68 -15.77 56.21
CA LEU D 277 11.52 -16.40 56.89
C LEU D 277 11.62 -17.92 56.72
N TYR D 278 11.75 -18.38 55.47
CA TYR D 278 11.82 -19.83 55.16
C TYR D 278 12.90 -20.49 56.04
N PHE D 279 14.12 -19.94 56.01
CA PHE D 279 15.30 -20.63 56.57
C PHE D 279 15.48 -20.36 58.06
N ASP D 280 14.40 -20.21 58.82
CA ASP D 280 14.47 -20.05 60.30
C ASP D 280 14.79 -18.62 60.74
N GLY D 281 14.79 -17.63 59.85
CA GLY D 281 15.08 -16.28 60.35
C GLY D 281 13.86 -15.53 60.84
N GLN D 282 14.01 -14.25 61.16
CA GLN D 282 12.87 -13.39 61.59
C GLN D 282 12.92 -12.04 60.87
N VAL D 283 11.78 -11.36 60.68
CA VAL D 283 11.75 -10.10 59.89
C VAL D 283 10.60 -9.23 60.38
N PRO D 284 10.81 -7.94 60.63
CA PRO D 284 9.68 -7.10 61.00
C PRO D 284 8.59 -7.04 59.93
N GLN D 285 7.35 -6.90 60.39
CA GLN D 285 6.21 -6.78 59.44
C GLN D 285 6.39 -5.59 58.50
N THR D 286 6.98 -4.50 59.02
CA THR D 286 7.14 -3.33 58.14
C THR D 286 8.08 -3.69 56.99
N VAL D 287 9.07 -4.53 57.25
CA VAL D 287 9.98 -4.97 56.16
C VAL D 287 9.19 -5.75 55.10
N LEU D 288 8.23 -6.56 55.53
CA LEU D 288 7.40 -7.31 54.57
C LEU D 288 6.59 -6.34 53.70
N TYR D 289 5.98 -5.36 54.33
CA TYR D 289 5.20 -4.39 53.54
C TYR D 289 6.14 -3.71 52.56
N LEU D 290 7.37 -3.47 52.99
CA LEU D 290 8.34 -2.74 52.14
C LEU D 290 8.61 -3.55 50.88
N GLY D 291 8.88 -4.85 51.04
CA GLY D 291 9.16 -5.67 49.86
C GLY D 291 7.96 -5.69 48.91
N ILE D 292 6.77 -5.84 49.48
CA ILE D 292 5.59 -5.94 48.60
C ILE D 292 5.48 -4.64 47.80
N LEU D 293 5.67 -3.52 48.49
CA LEU D 293 5.50 -2.22 47.80
C LEU D 293 6.60 -2.07 46.76
N LEU D 294 7.77 -2.65 47.00
CA LEU D 294 8.88 -2.45 46.04
C LEU D 294 8.55 -3.20 44.75
N SER D 295 8.09 -4.44 44.85
CA SER D 295 7.67 -5.18 43.64
C SER D 295 6.57 -4.43 42.88
N HIS D 296 5.52 -4.00 43.58
CA HIS D 296 4.39 -3.35 42.89
C HIS D 296 4.80 -1.96 42.39
N ALA D 297 5.95 -1.50 42.82
CA ALA D 297 6.46 -0.21 42.32
C ALA D 297 7.28 -0.44 41.06
N ASN D 298 7.90 -1.61 40.95
CA ASN D 298 8.62 -1.92 39.69
C ASN D 298 7.59 -1.95 38.59
N SER D 299 6.44 -2.44 38.95
CA SER D 299 5.34 -2.51 37.99
C SER D 299 5.10 -1.14 37.34
N MET D 300 5.15 -0.07 38.12
CA MET D 300 4.84 1.27 37.54
C MET D 300 6.11 1.90 37.00
N MET D 301 7.27 1.46 37.46
CA MET D 301 8.52 2.12 37.02
C MET D 301 8.90 1.66 35.61
N ASN D 302 8.49 0.46 35.24
CA ASN D 302 8.93 -0.09 33.93
C ASN D 302 8.59 0.86 32.78
N PRO D 303 7.39 1.44 32.66
CA PRO D 303 7.12 2.32 31.55
C PRO D 303 8.12 3.46 31.34
N ILE D 304 8.58 4.08 32.41
CA ILE D 304 9.42 5.30 32.25
C ILE D 304 10.84 4.93 31.85
N VAL D 305 11.23 3.67 31.99
CA VAL D 305 12.63 3.29 31.72
C VAL D 305 12.71 2.39 30.49
N TYR D 306 11.57 1.97 29.92
CA TYR D 306 11.67 1.20 28.66
C TYR D 306 11.07 1.97 27.49
N ALA D 307 9.80 2.38 27.62
CA ALA D 307 9.06 3.03 26.51
C ALA D 307 9.56 4.45 26.25
N TYR D 308 9.94 5.21 27.29
CA TYR D 308 10.35 6.63 27.14
C TYR D 308 11.84 6.71 26.82
N LYS D 309 12.50 5.58 26.54
CA LYS D 309 13.92 5.57 26.12
C LYS D 309 13.99 5.64 24.60
N ILE D 310 12.92 5.26 23.90
CA ILE D 310 12.90 5.29 22.41
C ILE D 310 12.55 6.73 22.02
N LYS D 311 13.43 7.35 21.23
CA LYS D 311 13.26 8.76 20.81
C LYS D 311 11.90 8.96 20.15
N LYS D 312 11.38 7.96 19.45
CA LYS D 312 10.10 8.11 18.72
C LYS D 312 8.99 8.17 19.76
N PHE D 313 9.04 7.28 20.76
CA PHE D 313 8.02 7.23 21.82
C PHE D 313 8.21 8.49 22.69
N LYS D 314 9.43 9.03 22.76
CA LYS D 314 9.70 10.29 23.49
C LYS D 314 9.05 11.44 22.73
N GLU D 315 9.07 11.40 21.39
CA GLU D 315 8.52 12.49 20.54
C GLU D 315 6.99 12.43 20.52
N THR D 316 6.40 11.23 20.43
CA THR D 316 4.94 11.06 20.38
C THR D 316 4.36 11.44 21.73
N TYR D 317 5.04 11.03 22.78
CA TYR D 317 4.49 11.27 24.14
C TYR D 317 4.52 12.77 24.43
N LEU D 318 5.61 13.43 24.03
CA LEU D 318 5.67 14.89 24.28
C LEU D 318 4.60 15.61 23.46
N LEU D 319 4.37 15.13 22.25
CA LEU D 319 3.32 15.76 21.41
C LEU D 319 1.97 15.60 22.11
N ILE D 320 1.72 14.43 22.67
CA ILE D 320 0.39 14.19 23.30
C ILE D 320 0.40 14.88 24.66
N THR E 83 -24.45 -11.69 2.80
CA THR E 83 -25.18 -11.93 1.54
C THR E 83 -24.23 -11.79 0.36
N LEU E 84 -23.74 -12.92 -0.14
CA LEU E 84 -22.86 -12.93 -1.33
C LEU E 84 -23.51 -13.79 -2.40
N SER E 85 -23.43 -13.36 -3.65
CA SER E 85 -23.92 -14.13 -4.79
C SER E 85 -22.89 -15.20 -5.14
N ALA E 86 -23.27 -16.09 -6.04
CA ALA E 86 -22.40 -17.23 -6.35
C ALA E 86 -21.08 -16.73 -6.87
N GLU E 87 -21.09 -15.58 -7.54
CA GLU E 87 -19.85 -15.09 -8.17
C GLU E 87 -19.08 -14.18 -7.23
N ASP E 88 -19.74 -13.46 -6.35
CA ASP E 88 -19.02 -12.61 -5.40
C ASP E 88 -18.13 -13.45 -4.51
N LYS E 89 -18.50 -14.69 -4.27
CA LYS E 89 -17.70 -15.55 -3.36
C LYS E 89 -16.37 -15.85 -4.03
N ALA E 90 -16.40 -16.11 -5.33
CA ALA E 90 -15.16 -16.41 -6.06
C ALA E 90 -14.36 -15.12 -6.23
N ALA E 91 -15.02 -13.99 -6.37
CA ALA E 91 -14.33 -12.69 -6.46
C ALA E 91 -13.59 -12.40 -5.17
N VAL E 92 -14.24 -12.62 -4.04
CA VAL E 92 -13.61 -12.36 -2.75
C VAL E 92 -12.45 -13.32 -2.58
N GLU E 93 -12.59 -14.55 -3.04
CA GLU E 93 -11.47 -15.50 -2.98
C GLU E 93 -10.30 -14.97 -3.80
N ARG E 94 -10.58 -14.43 -4.97
CA ARG E 94 -9.51 -13.89 -5.84
C ARG E 94 -8.88 -12.67 -5.17
N SER E 95 -9.68 -11.78 -4.57
CA SER E 95 -9.16 -10.58 -3.87
C SER E 95 -8.22 -11.02 -2.75
N LYS E 96 -8.59 -12.04 -2.02
CA LYS E 96 -7.75 -12.54 -0.90
C LYS E 96 -6.47 -13.16 -1.47
N MET E 97 -6.55 -13.80 -2.61
CA MET E 97 -5.34 -14.41 -3.19
C MET E 97 -4.42 -13.28 -3.66
N ILE E 98 -4.98 -12.22 -4.19
CA ILE E 98 -4.16 -11.04 -4.62
C ILE E 98 -3.50 -10.41 -3.39
N ASP E 99 -4.22 -10.29 -2.29
CA ASP E 99 -3.67 -9.73 -1.05
C ASP E 99 -2.49 -10.58 -0.60
N ARG E 100 -2.61 -11.89 -0.65
CA ARG E 100 -1.54 -12.79 -0.21
C ARG E 100 -0.31 -12.56 -1.06
N ASN E 101 -0.51 -12.44 -2.35
CA ASN E 101 0.63 -12.28 -3.26
C ASN E 101 1.31 -10.93 -3.02
N LEU E 102 0.54 -9.89 -2.78
CA LEU E 102 1.11 -8.54 -2.54
C LEU E 102 1.93 -8.55 -1.25
N ARG E 103 1.42 -9.12 -0.19
CA ARG E 103 2.15 -9.17 1.08
C ARG E 103 3.43 -9.98 0.91
N GLU E 104 3.39 -11.09 0.20
CA GLU E 104 4.57 -11.98 0.14
C GLU E 104 5.62 -11.39 -0.79
N ASP E 105 5.22 -10.54 -1.71
CA ASP E 105 6.22 -9.89 -2.59
C ASP E 105 6.78 -8.65 -1.92
N GLY E 106 6.00 -7.97 -1.12
CA GLY E 106 6.50 -6.87 -0.32
C GLY E 106 7.60 -7.26 0.59
N GLU E 107 7.39 -8.36 1.25
CA GLU E 107 8.39 -8.87 2.18
C GLU E 107 9.69 -9.03 1.41
N LYS E 108 9.64 -9.66 0.26
CA LYS E 108 10.83 -9.87 -0.58
C LYS E 108 11.45 -8.53 -0.97
N ALA E 109 10.65 -7.50 -1.18
CA ALA E 109 11.13 -6.18 -1.62
C ALA E 109 11.66 -5.38 -0.44
N ALA E 110 11.43 -5.81 0.78
CA ALA E 110 11.85 -5.08 1.99
C ALA E 110 13.12 -5.69 2.56
N ARG E 111 13.67 -6.74 1.97
CA ARG E 111 14.96 -7.28 2.41
C ARG E 111 16.09 -6.78 1.50
N GLU E 112 15.84 -5.78 0.67
CA GLU E 112 16.84 -5.30 -0.32
C GLU E 112 17.38 -3.92 0.06
N VAL E 113 18.69 -3.71 -0.07
CA VAL E 113 19.35 -2.46 0.38
C VAL E 113 19.26 -1.44 -0.74
N LYS E 114 18.54 -0.37 -0.49
CA LYS E 114 18.39 0.70 -1.50
C LYS E 114 19.46 1.77 -1.28
N LEU E 115 20.32 1.99 -2.25
CA LEU E 115 21.41 2.96 -2.17
C LEU E 115 21.25 3.98 -3.29
N LEU E 116 21.08 5.25 -2.96
CA LEU E 116 21.05 6.31 -3.98
C LEU E 116 22.48 6.57 -4.40
N LEU E 117 22.69 6.89 -5.65
CA LEU E 117 24.04 7.25 -6.15
C LEU E 117 24.02 8.70 -6.62
N LEU E 118 24.90 9.53 -6.10
CA LEU E 118 24.96 10.95 -6.40
C LEU E 118 26.42 11.30 -6.66
N GLY E 119 26.64 12.54 -6.98
CA GLY E 119 27.99 13.02 -7.30
C GLY E 119 27.93 14.01 -8.44
N ALA E 120 28.98 14.78 -8.64
CA ALA E 120 29.04 15.70 -9.79
C ALA E 120 29.49 14.93 -11.04
N GLY E 121 29.51 15.60 -12.17
CA GLY E 121 29.91 14.96 -13.43
C GLY E 121 31.37 14.57 -13.41
N GLU E 122 31.70 13.47 -14.07
CA GLU E 122 33.11 13.00 -14.19
C GLU E 122 33.66 12.82 -12.78
N SER E 123 32.79 12.40 -11.86
CA SER E 123 33.21 12.19 -10.47
C SER E 123 33.46 10.70 -10.20
N GLY E 124 33.38 9.88 -11.25
CA GLY E 124 33.61 8.45 -11.08
C GLY E 124 32.32 7.70 -10.79
N LYS E 125 31.17 8.36 -10.92
CA LYS E 125 29.87 7.67 -10.80
C LYS E 125 29.92 6.51 -11.77
N SER E 126 30.32 6.79 -13.00
CA SER E 126 30.43 5.76 -14.04
C SER E 126 31.49 4.75 -13.64
N THR E 127 32.58 5.21 -13.06
CA THR E 127 33.67 4.30 -12.64
C THR E 127 33.17 3.40 -11.52
N ILE E 128 32.41 3.95 -10.59
CA ILE E 128 31.99 3.17 -9.40
C ILE E 128 30.93 2.17 -9.84
N VAL E 129 29.98 2.56 -10.69
CA VAL E 129 28.93 1.62 -11.09
C VAL E 129 29.57 0.42 -11.78
N LYS E 130 30.64 0.62 -12.54
CA LYS E 130 31.35 -0.53 -13.15
C LYS E 130 32.18 -1.25 -12.09
N GLN E 131 32.82 -0.51 -11.21
CA GLN E 131 33.61 -1.13 -10.13
C GLN E 131 32.67 -1.91 -9.22
N MET E 132 31.45 -1.42 -9.05
CA MET E 132 30.48 -2.04 -8.13
C MET E 132 30.13 -3.44 -8.63
N LYS E 133 30.00 -4.37 -7.70
CA LYS E 133 29.63 -5.77 -8.04
C LYS E 133 28.28 -5.79 -8.74
N GLY E 262 16.93 7.32 -18.57
CA GLY E 262 16.26 7.76 -17.34
C GLY E 262 16.96 7.31 -16.07
N ILE E 263 16.24 6.77 -15.10
CA ILE E 263 16.88 6.21 -13.90
C ILE E 263 17.44 4.88 -14.27
N VAL E 264 18.65 4.62 -13.87
CA VAL E 264 19.34 3.37 -14.19
C VAL E 264 19.55 2.62 -12.88
N GLU E 265 19.03 1.40 -12.79
CA GLU E 265 19.15 0.61 -11.55
C GLU E 265 20.16 -0.50 -11.79
N THR E 266 21.07 -0.68 -10.86
CA THR E 266 22.05 -1.78 -10.91
C THR E 266 21.74 -2.67 -9.72
N HIS E 267 21.41 -3.92 -10.00
CA HIS E 267 21.11 -4.89 -8.93
C HIS E 267 22.32 -5.80 -8.77
N PHE E 268 22.82 -5.92 -7.54
CA PHE E 268 23.94 -6.83 -7.28
C PHE E 268 23.83 -7.41 -5.89
N THR E 269 24.29 -8.64 -5.73
CA THR E 269 24.26 -9.33 -4.43
C THR E 269 25.67 -9.38 -3.87
N PHE E 270 25.81 -9.00 -2.61
CA PHE E 270 27.14 -9.04 -1.94
C PHE E 270 26.95 -9.60 -0.54
N LYS E 271 27.58 -10.74 -0.27
CA LYS E 271 27.55 -11.32 1.09
C LYS E 271 26.11 -11.44 1.56
N ASP E 272 25.21 -11.90 0.69
CA ASP E 272 23.82 -12.21 1.08
C ASP E 272 22.97 -10.95 1.16
N LEU E 273 23.56 -9.79 0.89
CA LEU E 273 22.77 -8.55 0.86
C LEU E 273 22.51 -8.19 -0.59
N HIS E 274 21.24 -7.99 -0.95
CA HIS E 274 20.89 -7.66 -2.34
C HIS E 274 20.75 -6.15 -2.44
N PHE E 275 21.59 -5.52 -3.24
CA PHE E 275 21.63 -4.05 -3.32
C PHE E 275 21.05 -3.55 -4.62
N LYS E 276 20.16 -2.59 -4.51
CA LYS E 276 19.64 -1.88 -5.68
C LYS E 276 20.27 -0.50 -5.64
N MET E 277 21.21 -0.23 -6.54
CA MET E 277 21.89 1.08 -6.56
C MET E 277 21.27 1.87 -7.69
N PHE E 278 20.64 2.96 -7.34
CA PHE E 278 19.89 3.76 -8.31
C PHE E 278 20.67 5.00 -8.71
N ASP E 279 20.96 5.13 -10.00
CA ASP E 279 21.74 6.25 -10.53
C ASP E 279 20.79 7.21 -11.21
N VAL E 280 20.80 8.45 -10.78
CA VAL E 280 19.90 9.49 -11.34
C VAL E 280 20.71 10.58 -11.99
N GLY E 281 21.92 10.27 -12.45
CA GLY E 281 22.71 11.24 -13.22
C GLY E 281 22.11 11.52 -14.60
N GLY E 282 21.36 10.56 -15.11
CA GLY E 282 20.76 10.70 -16.43
C GLY E 282 19.64 11.68 -16.39
N GLN E 283 19.20 12.12 -15.21
CA GLN E 283 18.20 13.22 -15.11
C GLN E 283 18.59 14.32 -16.09
N ARG E 284 17.76 14.61 -17.11
CA ARG E 284 18.05 15.64 -18.13
C ARG E 284 18.30 16.98 -17.44
N SER E 285 17.41 17.41 -16.53
CA SER E 285 17.53 18.68 -15.76
C SER E 285 17.28 18.32 -14.30
N GLU E 286 18.30 18.41 -13.45
CA GLU E 286 18.19 18.04 -12.01
C GLU E 286 17.49 19.16 -11.24
N ARG E 287 16.19 19.33 -11.49
CA ARG E 287 15.33 20.19 -10.65
C ARG E 287 15.24 19.58 -9.24
N LYS E 288 15.45 18.26 -9.15
CA LYS E 288 15.50 17.53 -7.85
C LYS E 288 14.17 17.72 -7.11
N LYS E 289 13.06 17.67 -7.85
CA LYS E 289 11.74 17.65 -7.19
C LYS E 289 11.34 16.17 -7.21
N TRP E 290 12.32 15.31 -7.51
CA TRP E 290 12.08 13.83 -7.53
C TRP E 290 13.00 13.11 -6.53
N ILE E 291 13.84 13.83 -5.79
CA ILE E 291 14.81 13.19 -4.86
C ILE E 291 14.04 12.61 -3.67
N HIS E 292 13.03 13.32 -3.19
CA HIS E 292 12.17 12.87 -2.06
C HIS E 292 11.72 11.43 -2.33
N CYS E 293 11.72 11.03 -3.61
CA CYS E 293 11.41 9.63 -3.95
C CYS E 293 12.47 8.67 -3.42
N PHE E 294 13.56 9.18 -2.91
CA PHE E 294 14.68 8.33 -2.47
C PHE E 294 14.80 8.32 -0.95
N GLU E 295 13.72 8.67 -0.25
CA GLU E 295 13.75 8.48 1.22
C GLU E 295 13.91 6.99 1.48
N GLY E 296 14.29 6.65 2.66
CA GLY E 296 14.32 5.23 3.02
C GLY E 296 15.56 4.57 2.51
N VAL E 297 16.26 5.20 1.59
CA VAL E 297 17.43 4.52 1.03
C VAL E 297 18.42 4.36 2.17
N THR E 298 19.02 3.20 2.26
CA THR E 298 19.99 2.90 3.33
C THR E 298 21.10 3.95 3.37
N ALA E 299 21.68 4.35 2.23
CA ALA E 299 22.81 5.30 2.22
C ALA E 299 22.93 6.00 0.87
N ILE E 300 23.47 7.23 0.85
CA ILE E 300 23.69 8.00 -0.42
C ILE E 300 25.18 7.93 -0.75
N ILE E 301 25.57 7.11 -1.74
CA ILE E 301 26.99 6.97 -2.16
C ILE E 301 27.36 8.18 -3.02
N PHE E 302 28.10 9.15 -2.48
CA PHE E 302 28.51 10.39 -3.18
C PHE E 302 29.95 10.25 -3.59
N CYS E 303 30.21 10.45 -4.88
CA CYS E 303 31.57 10.26 -5.46
C CYS E 303 32.16 11.59 -5.85
N VAL E 304 33.44 11.78 -5.55
CA VAL E 304 34.16 13.02 -5.89
C VAL E 304 35.55 12.61 -6.36
N ALA E 305 36.14 13.43 -7.19
CA ALA E 305 37.48 13.19 -7.75
C ALA E 305 38.34 14.39 -7.36
N LEU E 306 39.53 14.14 -6.81
CA LEU E 306 40.48 15.21 -6.43
C LEU E 306 40.81 16.02 -7.68
N SER E 307 40.99 15.36 -8.83
CA SER E 307 41.28 16.03 -10.12
C SER E 307 40.09 16.92 -10.51
N ASP E 308 38.87 16.43 -10.30
CA ASP E 308 37.65 17.20 -10.66
C ASP E 308 36.50 16.83 -9.70
N ASN E 320 38.70 24.33 -9.87
CA ASN E 320 38.14 24.00 -8.54
C ASN E 320 36.82 23.28 -8.73
N ARG E 321 36.88 22.18 -9.45
CA ARG E 321 35.68 21.31 -9.53
C ARG E 321 35.44 20.79 -8.12
N MET E 322 36.49 20.83 -7.31
CA MET E 322 36.36 20.42 -5.90
C MET E 322 35.31 21.29 -5.25
N HIS E 323 35.30 22.59 -5.55
CA HIS E 323 34.34 23.55 -4.93
C HIS E 323 32.93 23.21 -5.46
N GLU E 324 32.81 22.66 -6.67
CA GLU E 324 31.51 22.20 -7.17
C GLU E 324 31.05 21.00 -6.34
N SER E 325 31.96 20.07 -6.11
CA SER E 325 31.62 18.87 -5.32
C SER E 325 31.23 19.32 -3.91
N MET E 326 31.90 20.32 -3.37
CA MET E 326 31.63 20.73 -1.98
C MET E 326 30.22 21.29 -1.90
N LYS E 327 29.81 22.05 -2.88
CA LYS E 327 28.49 22.69 -2.77
C LYS E 327 27.42 21.61 -2.92
N LEU E 328 27.70 20.62 -3.75
CA LEU E 328 26.76 19.49 -3.91
C LEU E 328 26.67 18.68 -2.60
N PHE E 329 27.79 18.44 -1.95
CA PHE E 329 27.82 17.66 -0.70
C PHE E 329 27.03 18.40 0.36
N ASP E 330 27.18 19.70 0.45
CA ASP E 330 26.42 20.50 1.43
C ASP E 330 24.94 20.33 1.14
N SER E 331 24.61 20.34 -0.12
CA SER E 331 23.20 20.32 -0.49
C SER E 331 22.62 18.98 -0.05
N ILE E 332 23.31 17.90 -0.32
CA ILE E 332 22.74 16.56 -0.06
C ILE E 332 22.60 16.36 1.45
N CYS E 333 23.57 16.72 2.25
CA CYS E 333 23.55 16.51 3.71
C CYS E 333 22.44 17.37 4.32
N ASN E 334 22.19 18.55 3.80
CA ASN E 334 21.26 19.50 4.44
C ASN E 334 19.80 19.14 4.16
N ASN E 335 19.51 18.27 3.21
CA ASN E 335 18.11 18.00 2.83
C ASN E 335 17.27 17.56 4.01
N LYS E 336 16.03 18.00 4.03
CA LYS E 336 15.06 17.50 5.02
C LYS E 336 14.78 16.02 4.74
N TRP E 337 15.08 15.55 3.53
CA TRP E 337 14.81 14.15 3.10
C TRP E 337 16.00 13.25 3.43
N PHE E 338 17.19 13.82 3.61
CA PHE E 338 18.43 13.05 3.87
C PHE E 338 19.12 13.61 5.12
N THR E 339 18.46 13.53 6.27
CA THR E 339 19.02 14.00 7.58
C THR E 339 19.37 12.77 8.41
N ASP E 340 18.74 11.62 8.15
CA ASP E 340 18.98 10.38 8.90
C ASP E 340 19.80 9.42 8.06
N THR E 341 20.03 9.73 6.78
CA THR E 341 20.69 8.77 5.90
C THR E 341 22.16 9.06 5.88
N SER E 342 22.95 8.09 6.27
CA SER E 342 24.41 8.22 6.22
C SER E 342 24.85 8.50 4.79
N ILE E 343 26.03 9.06 4.62
CA ILE E 343 26.60 9.33 3.29
C ILE E 343 27.93 8.63 3.20
N ILE E 344 28.12 7.84 2.19
CA ILE E 344 29.39 7.15 1.93
C ILE E 344 30.11 7.94 0.85
N LEU E 345 31.08 8.75 1.23
CA LEU E 345 31.82 9.64 0.31
C LEU E 345 33.05 8.91 -0.15
N PHE E 346 33.31 8.91 -1.45
CA PHE E 346 34.44 8.16 -1.99
C PHE E 346 35.46 9.03 -2.68
N LEU E 347 36.73 8.78 -2.43
CA LEU E 347 37.84 9.35 -3.22
C LEU E 347 38.54 8.09 -3.66
N ASN E 348 37.93 7.40 -4.61
CA ASN E 348 38.37 6.05 -4.99
C ASN E 348 39.72 6.05 -5.71
N LYS E 349 39.84 6.75 -6.82
CA LYS E 349 41.11 6.68 -7.59
C LYS E 349 42.24 7.33 -6.79
N LYS E 350 43.45 6.81 -6.90
CA LYS E 350 44.59 7.30 -6.09
C LYS E 350 45.85 7.29 -6.96
N ASP E 351 45.72 7.15 -8.27
CA ASP E 351 46.90 7.05 -9.17
C ASP E 351 47.16 8.38 -9.87
N LEU E 352 46.18 9.28 -9.86
CA LEU E 352 46.36 10.60 -10.48
C LEU E 352 46.00 11.68 -9.47
N PHE E 353 45.81 11.31 -8.23
CA PHE E 353 45.42 12.26 -7.17
C PHE E 353 46.67 12.87 -6.52
N GLU E 354 47.85 12.35 -6.85
CA GLU E 354 49.12 12.84 -6.27
C GLU E 354 49.93 13.58 -7.31
N GLU E 355 49.95 13.11 -8.56
CA GLU E 355 50.83 13.73 -9.57
C GLU E 355 50.43 15.17 -9.84
N LYS E 356 49.16 15.51 -9.57
CA LYS E 356 48.65 16.91 -9.63
C LYS E 356 49.05 17.65 -8.34
N ILE E 357 48.87 17.00 -7.18
CA ILE E 357 49.20 17.65 -5.88
C ILE E 357 50.64 18.17 -5.94
N LYS E 358 51.57 17.33 -6.42
CA LYS E 358 52.98 17.76 -6.58
C LYS E 358 53.03 19.11 -7.31
N LYS E 359 52.33 19.23 -8.43
CA LYS E 359 52.44 20.44 -9.29
C LYS E 359 51.54 21.55 -8.73
N SER E 360 50.50 21.19 -7.97
CA SER E 360 49.49 22.17 -7.51
C SER E 360 48.70 21.60 -6.32
N PRO E 361 48.82 22.17 -5.10
CA PRO E 361 48.05 21.70 -3.95
C PRO E 361 46.66 22.36 -3.86
N LEU E 362 46.08 22.41 -2.67
CA LEU E 362 44.72 22.99 -2.50
C LEU E 362 44.81 24.51 -2.44
N THR E 363 46.00 25.08 -2.59
CA THR E 363 46.15 26.56 -2.57
C THR E 363 45.50 27.16 -3.82
N ILE E 364 45.68 26.53 -4.98
CA ILE E 364 45.16 27.10 -6.25
C ILE E 364 43.63 27.19 -6.23
N CYS E 365 42.94 26.19 -5.69
CA CYS E 365 41.45 26.18 -5.70
C CYS E 365 40.94 26.79 -4.39
N TYR E 366 41.40 26.27 -3.26
CA TYR E 366 40.99 26.80 -1.91
C TYR E 366 42.09 27.69 -1.32
N PRO E 367 42.05 29.03 -1.52
CA PRO E 367 43.11 29.90 -1.00
C PRO E 367 43.46 29.73 0.47
N GLU E 368 42.49 29.35 1.30
CA GLU E 368 42.68 29.39 2.78
C GLU E 368 43.70 28.39 3.31
N TYR E 369 44.00 27.32 2.60
CA TYR E 369 44.88 26.24 3.11
C TYR E 369 46.29 26.75 3.27
N ALA E 370 46.88 26.37 4.38
CA ALA E 370 48.26 26.79 4.70
C ALA E 370 49.08 25.61 5.20
N GLY E 371 48.77 24.41 4.77
CA GLY E 371 49.45 23.20 5.25
C GLY E 371 50.44 22.68 4.26
N SER E 372 51.13 21.60 4.61
CA SER E 372 52.14 20.99 3.73
C SER E 372 51.49 20.60 2.42
N ASN E 373 52.13 20.93 1.31
CA ASN E 373 51.58 20.63 -0.04
C ASN E 373 51.97 19.20 -0.41
N THR E 374 51.63 18.25 0.44
CA THR E 374 51.86 16.82 0.16
C THR E 374 50.51 16.13 -0.02
N TYR E 375 50.53 14.86 -0.39
CA TYR E 375 49.27 14.16 -0.69
C TYR E 375 48.47 13.97 0.59
N GLU E 376 49.10 13.35 1.57
CA GLU E 376 48.38 12.98 2.80
C GLU E 376 47.83 14.22 3.49
N GLU E 377 48.63 15.25 3.61
CA GLU E 377 48.19 16.42 4.40
C GLU E 377 47.02 17.09 3.69
N ALA E 378 47.18 17.34 2.41
CA ALA E 378 46.15 18.08 1.66
C ALA E 378 44.91 17.21 1.53
N ALA E 379 45.10 15.92 1.29
CA ALA E 379 43.94 15.04 1.07
C ALA E 379 43.15 14.98 2.36
N ALA E 380 43.87 14.91 3.48
CA ALA E 380 43.20 14.85 4.78
C ALA E 380 42.48 16.18 5.01
N TYR E 381 43.10 17.28 4.63
CA TYR E 381 42.48 18.61 4.84
C TYR E 381 41.21 18.72 4.01
N ILE E 382 41.25 18.26 2.78
CA ILE E 382 40.06 18.32 1.90
C ILE E 382 38.98 17.46 2.51
N GLN E 383 39.37 16.29 2.96
CA GLN E 383 38.38 15.34 3.51
C GLN E 383 37.74 16.04 4.68
N CYS E 384 38.55 16.69 5.47
CA CYS E 384 38.01 17.33 6.68
C CYS E 384 37.11 18.48 6.26
N GLN E 385 37.47 19.19 5.20
CA GLN E 385 36.66 20.36 4.80
C GLN E 385 35.35 19.88 4.26
N PHE E 386 35.31 18.79 3.54
CA PHE E 386 34.00 18.22 3.14
C PHE E 386 33.25 17.76 4.38
N GLU E 387 33.92 17.11 5.31
CA GLU E 387 33.26 16.61 6.53
C GLU E 387 32.68 17.81 7.26
N ASP E 388 33.36 18.96 7.22
CA ASP E 388 32.94 20.18 7.93
C ASP E 388 31.55 20.60 7.45
N LEU E 389 31.19 20.28 6.21
CA LEU E 389 29.88 20.66 5.62
C LEU E 389 28.75 20.03 6.44
N ASN E 390 28.94 18.82 6.98
CA ASN E 390 27.93 18.16 7.86
C ASN E 390 27.50 19.19 8.93
N LYS E 391 26.25 19.64 8.90
CA LYS E 391 25.75 20.69 9.84
C LYS E 391 25.06 20.07 11.05
N ARG E 392 24.73 18.80 11.02
CA ARG E 392 24.17 18.12 12.22
C ARG E 392 24.76 16.72 12.30
N LYS E 393 25.80 16.55 13.10
CA LYS E 393 26.51 15.25 13.22
C LYS E 393 25.82 14.36 14.24
N ASP E 394 24.72 14.82 14.82
CA ASP E 394 24.03 14.07 15.89
C ASP E 394 23.26 12.91 15.27
N THR E 395 22.63 13.10 14.12
CA THR E 395 21.73 12.09 13.52
C THR E 395 22.43 11.22 12.49
N LYS E 396 23.20 11.80 11.60
CA LYS E 396 23.80 11.03 10.48
C LYS E 396 25.30 10.97 10.62
N GLU E 397 25.90 10.08 9.87
CA GLU E 397 27.35 9.91 9.88
C GLU E 397 27.89 9.94 8.46
N ILE E 398 29.15 10.25 8.30
CA ILE E 398 29.80 10.27 6.99
C ILE E 398 30.90 9.22 7.01
N TYR E 399 30.93 8.36 6.03
CA TYR E 399 31.98 7.31 5.92
C TYR E 399 32.76 7.64 4.68
N THR E 400 34.01 7.93 4.86
CA THR E 400 34.87 8.38 3.76
C THR E 400 35.78 7.26 3.31
N HIS E 401 36.08 7.27 2.03
CA HIS E 401 36.94 6.23 1.43
C HIS E 401 38.05 6.90 0.65
N PHE E 402 39.24 6.34 0.72
CA PHE E 402 40.42 6.90 0.01
C PHE E 402 41.16 5.81 -0.75
N THR E 403 41.12 4.57 -0.28
CA THR E 403 41.94 3.51 -0.90
C THR E 403 41.70 3.43 -2.39
N CYS E 404 42.77 3.23 -3.14
CA CYS E 404 42.71 3.22 -4.61
C CYS E 404 41.56 2.38 -5.15
N ALA E 405 40.97 2.85 -6.24
CA ALA E 405 39.88 2.14 -6.92
C ALA E 405 40.37 0.83 -7.51
N THR E 406 41.64 0.72 -7.80
CA THR E 406 42.17 -0.48 -8.46
C THR E 406 41.92 -1.69 -7.55
N ASP E 407 42.16 -1.56 -6.26
CA ASP E 407 41.84 -2.69 -5.36
C ASP E 407 40.32 -2.87 -5.30
N THR E 408 39.83 -4.10 -5.31
CA THR E 408 38.38 -4.37 -5.36
C THR E 408 37.78 -4.31 -3.96
N LYS E 409 37.96 -3.18 -3.28
CA LYS E 409 37.44 -3.02 -1.89
C LYS E 409 36.39 -1.91 -1.81
N ASN E 410 36.07 -1.29 -2.93
CA ASN E 410 35.06 -0.22 -2.95
C ASN E 410 33.72 -0.80 -2.51
N VAL E 411 33.40 -2.00 -2.94
CA VAL E 411 32.13 -2.66 -2.54
C VAL E 411 32.20 -3.06 -1.07
N GLN E 412 33.34 -3.60 -0.63
CA GLN E 412 33.46 -4.11 0.75
C GLN E 412 33.19 -2.96 1.72
N PHE E 413 33.69 -1.78 1.39
CA PHE E 413 33.49 -0.62 2.27
C PHE E 413 32.00 -0.24 2.26
N VAL E 414 31.35 -0.30 1.12
CA VAL E 414 29.90 -0.02 1.07
C VAL E 414 29.19 -1.05 1.95
N PHE E 415 29.66 -2.27 1.96
CA PHE E 415 28.96 -3.35 2.70
C PHE E 415 29.08 -3.08 4.19
N ASP E 416 30.26 -2.69 4.64
CA ASP E 416 30.48 -2.42 6.07
C ASP E 416 29.62 -1.24 6.47
N ALA E 417 29.53 -0.25 5.64
CA ALA E 417 28.81 0.96 6.03
C ALA E 417 27.32 0.68 6.10
N VAL E 418 26.79 -0.09 5.18
CA VAL E 418 25.34 -0.34 5.19
C VAL E 418 25.06 -1.23 6.40
N THR E 419 25.94 -2.16 6.73
CA THR E 419 25.77 -3.01 7.92
C THR E 419 25.69 -2.13 9.14
N ASP E 420 26.55 -1.14 9.21
CA ASP E 420 26.60 -0.28 10.40
C ASP E 420 25.35 0.55 10.43
N VAL E 421 24.93 1.04 9.28
CA VAL E 421 23.77 1.94 9.23
C VAL E 421 22.57 1.16 9.72
N ILE E 422 22.49 -0.08 9.31
CA ILE E 422 21.32 -0.91 9.68
C ILE E 422 21.41 -1.24 11.17
N ILE E 423 22.59 -1.58 11.69
CA ILE E 423 22.70 -1.98 13.11
C ILE E 423 22.25 -0.81 13.95
N LYS E 424 22.66 0.36 13.57
CA LYS E 424 22.32 1.56 14.35
C LYS E 424 20.85 1.91 14.21
N ASN E 425 20.27 1.69 13.04
CA ASN E 425 18.85 1.99 12.86
C ASN E 425 18.08 1.08 13.78
N ASN E 426 18.48 -0.20 13.88
CA ASN E 426 17.77 -1.21 14.70
C ASN E 426 17.84 -0.82 16.18
N LEU E 427 19.03 -0.52 16.71
CA LEU E 427 19.20 -0.22 18.15
C LEU E 427 18.56 1.12 18.49
N LYS E 428 18.53 2.06 17.55
CA LYS E 428 17.91 3.41 17.78
C LYS E 428 16.39 3.25 17.95
N ASP E 429 15.75 2.38 17.18
CA ASP E 429 14.31 2.10 17.32
C ASP E 429 14.07 1.52 18.71
N CYS E 430 14.94 0.63 19.19
CA CYS E 430 14.69 -0.04 20.49
C CYS E 430 14.72 0.99 21.62
N GLY E 431 15.47 2.05 21.46
CA GLY E 431 15.68 3.06 22.49
C GLY E 431 17.05 2.96 23.11
N LEU E 432 17.77 1.86 22.92
CA LEU E 432 19.15 1.73 23.43
C LEU E 432 19.98 2.91 22.94
N PHE E 433 19.78 3.36 21.71
CA PHE E 433 20.67 4.41 21.18
C PHE E 433 20.24 5.75 21.72
#